data_5DRC
#
_entry.id   5DRC
#
_cell.length_a   78.957
_cell.length_b   78.957
_cell.length_c   224.974
_cell.angle_alpha   90.00
_cell.angle_beta   90.00
_cell.angle_gamma   90.00
#
_symmetry.space_group_name_H-M   'P 43 21 2'
#
loop_
_entity.id
_entity.type
_entity.pdbx_description
1 polymer 'Malate synthase G'
2 non-polymer 'MAGNESIUM ION'
3 non-polymer '(2Z)-2-hydroxy-4-(1H-indol-3-yl)-4-oxobut-2-enoic acid'
4 water water
#
_entity_poly.entity_id   1
_entity_poly.type   'polypeptide(L)'
_entity_poly.pdbx_seq_one_letter_code
;MTDRVSVGNLRIARVLYDFVNNEALPGTDIDPDSFWAGVDKVVADLTPQNQALLNARDELQAQIDKWHRRRVIEPIDMDA
YRQFLTEIGYLLPEPDDFTITTSGVDAEITTTAGPQLVVPVLNARFALNAANARWGSLYDALYGTDVIPETDGAEKGPTY
NKVRGDKVIAYARKFLDDSVPLSSGSFGDATGFTVQDGQLVVALPDKSTGLANPGQFAGYTGAAESPTSVLLINHGLHIE
ILIDPESQVGTTDRAGVKDVILESAITTIMDFEDSVAAVDAADKVLGYRNWLGLNKGDLAAAVDKDGTAFLRVLNRDRNY
TAPGGGQFTLPGRSLMFVRNVGHLMTNDAIVDTDGSEVFEGIMDALFTGLIAIHGLKASDVNGPLINSRTGSIYIVKPKM
HGPAEVAFT(CSO)ELFSRVEDVLGLPQNTMKIGIMDEERRTTVNLKACIKAAADRVVFINTGFLDRTGDEIHTSMEAGP
MVRKGTMKSQPWILAYEDHNVDAGLAAGFSGRAQVGKGMWTMTELMADMVETKIAQPRAGASTAWVPSPTAATLHALHYH
QVDVAAVQQGLAGKRRATIEQLLTIPLAKELAWAPDEIREEVDNNCQSILGYVVRWVDQGVGASKVPDIHDVALMEDRAT
LRISSQLLANWLRHGVITSADVRASLERMAPLVDRQNAGDVAYRPMAPNFDDSIAFLAAQELILSGAQQPNGYTEPILHR
RRREFKARAAEKPAPSDRAGDDAAR
;
_entity_poly.pdbx_strand_id   A
#
# COMPACT_ATOMS: atom_id res chain seq x y z
N THR A 2 9.27 32.67 -18.47
CA THR A 2 8.91 31.27 -18.34
C THR A 2 7.40 31.06 -18.40
N ASP A 3 6.96 29.84 -18.15
CA ASP A 3 5.55 29.48 -18.26
C ASP A 3 4.91 29.25 -16.88
N ARG A 4 4.80 30.31 -16.10
CA ARG A 4 4.20 30.21 -14.76
C ARG A 4 3.16 31.27 -14.55
N VAL A 5 2.28 31.04 -13.59
CA VAL A 5 1.23 31.97 -13.23
C VAL A 5 1.52 32.55 -11.85
N SER A 6 1.49 33.87 -11.73
CA SER A 6 1.78 34.51 -10.44
C SER A 6 0.53 34.63 -9.59
N VAL A 7 0.62 34.09 -8.39
CA VAL A 7 -0.45 34.19 -7.42
C VAL A 7 0.19 34.53 -6.09
N GLY A 8 0.06 35.78 -5.68
CA GLY A 8 0.76 36.27 -4.52
C GLY A 8 2.25 35.97 -4.64
N ASN A 9 2.75 35.22 -3.66
CA ASN A 9 4.17 34.88 -3.60
C ASN A 9 4.54 33.64 -4.44
N LEU A 10 3.55 33.01 -5.06
CA LEU A 10 3.81 31.77 -5.77
C LEU A 10 3.90 31.93 -7.30
N ARG A 11 4.70 31.07 -7.93
CA ARG A 11 4.74 30.97 -9.37
C ARG A 11 4.35 29.55 -9.80
N ILE A 12 3.09 29.37 -10.19
CA ILE A 12 2.54 28.05 -10.46
C ILE A 12 2.70 27.66 -11.93
N ALA A 13 3.20 26.45 -12.17
CA ALA A 13 3.37 25.94 -13.53
C ALA A 13 2.02 25.98 -14.24
N ARG A 14 2.03 26.49 -15.47
CA ARG A 14 0.81 26.68 -16.25
C ARG A 14 -0.03 25.40 -16.35
N VAL A 15 0.64 24.27 -16.58
CA VAL A 15 -0.08 23.02 -16.77
C VAL A 15 -0.95 22.70 -15.54
N LEU A 16 -0.42 22.97 -14.36
CA LEU A 16 -1.12 22.68 -13.14
C LEU A 16 -2.19 23.73 -12.90
N TYR A 17 -1.87 25.00 -13.18
CA TYR A 17 -2.85 26.07 -13.06
C TYR A 17 -4.09 25.80 -13.93
N ASP A 18 -3.87 25.48 -15.19
CA ASP A 18 -4.96 25.20 -16.12
C ASP A 18 -5.75 23.97 -15.70
N PHE A 19 -5.04 22.91 -15.29
CA PHE A 19 -5.71 21.68 -14.86
C PHE A 19 -6.65 21.95 -13.70
N VAL A 20 -6.18 22.70 -12.72
CA VAL A 20 -6.98 22.97 -11.55
C VAL A 20 -8.23 23.77 -11.93
N ASN A 21 -8.04 24.77 -12.78
CA ASN A 21 -9.12 25.67 -13.15
C ASN A 21 -10.16 25.02 -14.06
N ASN A 22 -9.68 24.28 -15.05
CA ASN A 22 -10.54 23.74 -16.09
C ASN A 22 -11.10 22.38 -15.76
N GLU A 23 -10.41 21.64 -14.89
CA GLU A 23 -10.79 20.25 -14.61
C GLU A 23 -11.21 20.01 -13.16
N ALA A 24 -10.36 20.38 -12.21
CA ALA A 24 -10.63 20.08 -10.80
C ALA A 24 -11.70 20.97 -10.14
N LEU A 25 -11.60 22.28 -10.34
CA LEU A 25 -12.49 23.23 -9.67
C LEU A 25 -13.99 23.20 -10.07
N PRO A 26 -14.29 23.15 -11.38
CA PRO A 26 -15.70 23.15 -11.79
C PRO A 26 -16.49 22.02 -11.16
N GLY A 27 -17.62 22.34 -10.55
CA GLY A 27 -18.44 21.34 -9.87
C GLY A 27 -18.30 21.40 -8.36
N THR A 28 -17.27 22.09 -7.88
CA THR A 28 -16.98 22.11 -6.44
C THR A 28 -17.66 23.27 -5.71
N ASP A 29 -18.10 24.27 -6.47
CA ASP A 29 -18.63 25.52 -5.91
C ASP A 29 -17.59 26.37 -5.18
N ILE A 30 -16.31 26.04 -5.37
CA ILE A 30 -15.23 26.83 -4.82
C ILE A 30 -14.78 27.85 -5.86
N ASP A 31 -14.78 29.12 -5.48
CA ASP A 31 -14.38 30.21 -6.38
C ASP A 31 -12.89 30.09 -6.69
N PRO A 32 -12.54 30.08 -7.98
CA PRO A 32 -11.13 29.96 -8.38
C PRO A 32 -10.18 30.97 -7.69
N ASP A 33 -10.59 32.23 -7.57
CA ASP A 33 -9.74 33.22 -6.91
C ASP A 33 -9.54 32.91 -5.43
N SER A 34 -10.61 32.46 -4.75
CA SER A 34 -10.53 32.09 -3.35
C SER A 34 -9.63 30.89 -3.12
N PHE A 35 -9.73 29.90 -4.00
CA PHE A 35 -8.91 28.71 -3.88
C PHE A 35 -7.43 29.07 -3.95
N TRP A 36 -7.04 29.82 -4.98
CA TRP A 36 -5.64 30.14 -5.21
C TRP A 36 -5.04 31.03 -4.12
N ALA A 37 -5.81 32.00 -3.67
CA ALA A 37 -5.40 32.79 -2.52
C ALA A 37 -5.21 31.91 -1.28
N GLY A 38 -6.07 30.91 -1.13
CA GLY A 38 -5.92 29.96 -0.04
C GLY A 38 -4.62 29.15 -0.15
N VAL A 39 -4.30 28.71 -1.36
CA VAL A 39 -3.07 28.00 -1.64
C VAL A 39 -1.86 28.82 -1.19
N ASP A 40 -1.80 30.05 -1.66
CA ASP A 40 -0.75 31.00 -1.29
C ASP A 40 -0.65 31.17 0.24
N LYS A 41 -1.79 31.29 0.91
CA LYS A 41 -1.79 31.54 2.35
C LYS A 41 -1.43 30.30 3.19
N VAL A 42 -1.95 29.15 2.80
CA VAL A 42 -1.58 27.90 3.45
C VAL A 42 -0.09 27.65 3.28
N VAL A 43 0.41 27.82 2.07
CA VAL A 43 1.84 27.63 1.82
C VAL A 43 2.69 28.62 2.62
N ALA A 44 2.28 29.90 2.65
CA ALA A 44 3.03 30.90 3.43
C ALA A 44 3.05 30.57 4.93
N ASP A 45 1.90 30.21 5.49
CA ASP A 45 1.76 29.94 6.93
C ASP A 45 2.46 28.67 7.43
N LEU A 46 2.40 27.59 6.67
CA LEU A 46 2.84 26.27 7.15
C LEU A 46 4.24 25.84 6.72
N THR A 47 4.82 26.56 5.76
CA THR A 47 6.14 26.19 5.25
C THR A 47 7.25 26.23 6.32
N PRO A 48 7.31 27.31 7.12
CA PRO A 48 8.38 27.33 8.12
C PRO A 48 8.27 26.18 9.14
N GLN A 49 7.06 25.81 9.52
CA GLN A 49 6.88 24.70 10.44
C GLN A 49 7.31 23.37 9.82
N ASN A 50 7.02 23.22 8.53
CA ASN A 50 7.36 22.01 7.80
C ASN A 50 8.88 21.85 7.80
N GLN A 51 9.56 22.95 7.52
CA GLN A 51 11.01 22.97 7.46
C GLN A 51 11.65 22.69 8.82
N ALA A 52 11.07 23.25 9.88
CA ALA A 52 11.54 23.05 11.24
C ALA A 52 11.46 21.58 11.65
N LEU A 53 10.39 20.91 11.24
CA LEU A 53 10.25 19.49 11.52
C LEU A 53 11.39 18.70 10.89
N LEU A 54 11.72 19.01 9.65
CA LEU A 54 12.83 18.36 8.95
C LEU A 54 14.17 18.65 9.65
N ASN A 55 14.37 19.89 10.10
CA ASN A 55 15.59 20.26 10.83
C ASN A 55 15.71 19.45 12.13
N ALA A 56 14.57 19.20 12.74
CA ALA A 56 14.55 18.41 13.97
C ALA A 56 15.03 16.98 13.74
N ARG A 57 14.64 16.39 12.60
CA ARG A 57 15.13 15.06 12.25
C ARG A 57 16.65 15.10 12.11
N ASP A 58 17.17 16.13 11.45
CA ASP A 58 18.60 16.25 11.23
C ASP A 58 19.37 16.34 12.54
N GLU A 59 18.89 17.20 13.44
CA GLU A 59 19.47 17.35 14.77
C GLU A 59 19.49 16.03 15.54
N LEU A 60 18.36 15.34 15.56
CA LEU A 60 18.30 14.09 16.29
C LEU A 60 19.28 13.04 15.72
N GLN A 61 19.26 12.85 14.41
CA GLN A 61 20.13 11.87 13.78
C GLN A 61 21.61 12.18 14.01
N ALA A 62 21.97 13.46 13.98
CA ALA A 62 23.34 13.88 14.23
C ALA A 62 23.77 13.47 15.64
N GLN A 63 22.91 13.70 16.64
CA GLN A 63 23.20 13.29 18.01
C GLN A 63 23.37 11.77 18.14
N ILE A 64 22.54 11.01 17.41
CA ILE A 64 22.63 9.55 17.42
C ILE A 64 23.92 9.05 16.76
N ASP A 65 24.23 9.57 15.57
CA ASP A 65 25.50 9.28 14.90
C ASP A 65 26.69 9.47 15.85
N LYS A 66 26.69 10.57 16.60
CA LYS A 66 27.80 10.90 17.48
C LYS A 66 27.86 9.98 18.69
N TRP A 67 26.69 9.64 19.23
CA TRP A 67 26.60 8.72 20.35
C TRP A 67 27.28 7.40 19.99
N HIS A 68 26.96 6.87 18.82
CA HIS A 68 27.54 5.60 18.37
C HIS A 68 29.04 5.74 18.07
N ARG A 69 29.43 6.83 17.45
CA ARG A 69 30.81 7.13 17.10
C ARG A 69 31.77 7.30 18.28
N ARG A 70 31.27 7.67 19.44
CA ARG A 70 32.07 7.73 20.62
C ARG A 70 31.90 6.39 21.33
N ARG A 71 31.86 5.35 20.52
CA ARG A 71 31.69 3.94 20.80
C ARG A 71 32.60 3.17 21.71
N VAL A 72 31.97 2.26 22.40
CA VAL A 72 32.61 1.37 23.34
C VAL A 72 33.17 0.22 22.54
N ILE A 73 33.15 -0.90 23.23
CA ILE A 73 33.60 -2.17 22.69
C ILE A 73 32.50 -3.17 22.35
N GLU A 74 31.51 -2.70 21.62
CA GLU A 74 30.48 -3.52 21.02
C GLU A 74 29.05 -3.68 21.47
N PRO A 75 28.80 -4.63 22.45
CA PRO A 75 27.38 -4.76 22.78
C PRO A 75 26.84 -3.45 23.28
N ILE A 76 25.70 -2.98 22.81
CA ILE A 76 25.13 -1.74 23.30
C ILE A 76 24.57 -1.88 24.71
N ASP A 77 24.75 -0.88 25.57
CA ASP A 77 24.15 -0.82 26.91
C ASP A 77 22.72 -0.28 26.77
N MET A 78 21.75 -1.18 26.74
CA MET A 78 20.35 -0.82 26.50
C MET A 78 19.79 0.28 27.41
N ASP A 79 20.09 0.18 28.71
CA ASP A 79 19.62 1.16 29.68
C ASP A 79 20.19 2.55 29.38
N ALA A 80 21.48 2.59 29.06
CA ALA A 80 22.13 3.84 28.72
C ALA A 80 21.57 4.41 27.41
N TYR A 81 21.46 3.55 26.39
CA TYR A 81 20.92 3.93 25.09
C TYR A 81 19.54 4.52 25.21
N ARG A 82 18.67 3.83 25.94
CA ARG A 82 17.29 4.29 26.15
C ARG A 82 17.24 5.60 26.93
N GLN A 83 18.10 5.74 27.93
CA GLN A 83 18.21 6.99 28.67
C GLN A 83 18.63 8.10 27.72
N PHE A 84 19.62 7.80 26.87
CA PHE A 84 20.05 8.76 25.85
C PHE A 84 18.91 9.20 24.93
N LEU A 85 18.17 8.24 24.37
CA LEU A 85 17.06 8.59 23.49
C LEU A 85 16.05 9.48 24.21
N THR A 86 15.81 9.17 25.46
CA THR A 86 14.90 9.94 26.29
C THR A 86 15.35 11.39 26.47
N GLU A 87 16.61 11.56 26.82
CA GLU A 87 17.13 12.89 27.12
C GLU A 87 17.06 13.85 25.94
N ILE A 88 17.26 13.32 24.73
CA ILE A 88 17.30 14.16 23.52
C ILE A 88 15.92 14.38 22.88
N GLY A 89 14.87 13.83 23.50
CA GLY A 89 13.51 14.01 23.02
C GLY A 89 13.12 13.07 21.89
N TYR A 90 13.91 12.03 21.66
CA TYR A 90 13.60 11.06 20.62
C TYR A 90 12.50 10.13 21.10
N LEU A 91 12.70 9.63 22.30
CA LEU A 91 11.75 8.74 22.95
C LEU A 91 10.95 9.54 23.97
N LEU A 92 9.68 9.82 23.67
CA LEU A 92 8.85 10.68 24.52
C LEU A 92 7.95 9.89 25.45
N PRO A 93 7.47 10.54 26.52
CA PRO A 93 6.56 9.85 27.45
C PRO A 93 5.28 9.39 26.77
N GLU A 94 4.76 8.24 27.22
CA GLU A 94 3.47 7.76 26.79
C GLU A 94 2.36 8.62 27.42
N PRO A 95 1.41 9.08 26.62
CA PRO A 95 0.24 9.76 27.20
C PRO A 95 -0.65 8.74 27.89
N ASP A 96 -1.63 9.20 28.65
CA ASP A 96 -2.56 8.31 29.34
C ASP A 96 -3.50 7.65 28.34
N ASP A 97 -4.13 6.55 28.73
CA ASP A 97 -5.07 5.83 27.88
C ASP A 97 -6.15 6.77 27.37
N PHE A 98 -6.54 6.59 26.11
CA PHE A 98 -7.59 7.40 25.50
C PHE A 98 -8.26 6.56 24.42
N THR A 99 -9.36 7.07 23.88
CA THR A 99 -10.08 6.41 22.80
C THR A 99 -10.25 7.41 21.65
N ILE A 100 -10.01 6.96 20.42
CA ILE A 100 -10.14 7.84 19.25
C ILE A 100 -11.58 8.26 19.09
N THR A 101 -11.81 9.40 18.44
CA THR A 101 -13.14 10.00 18.33
C THR A 101 -13.56 10.28 16.89
N THR A 102 -12.87 9.66 15.94
CA THR A 102 -13.13 9.86 14.53
C THR A 102 -14.57 9.47 14.17
N SER A 103 -15.27 10.31 13.43
CA SER A 103 -16.64 9.98 13.02
C SER A 103 -16.84 10.25 11.53
N GLY A 104 -17.98 9.82 10.99
CA GLY A 104 -18.24 10.01 9.58
C GLY A 104 -17.44 9.08 8.68
N VAL A 105 -17.00 7.95 9.23
CA VAL A 105 -16.21 6.98 8.49
C VAL A 105 -17.13 5.90 7.93
N ASP A 106 -16.78 5.34 6.76
CA ASP A 106 -17.58 4.31 6.08
C ASP A 106 -17.36 2.93 6.67
N ALA A 107 -18.37 2.07 6.48
CA ALA A 107 -18.35 0.74 7.05
C ALA A 107 -17.15 -0.07 6.56
N GLU A 108 -16.68 0.21 5.35
CA GLU A 108 -15.51 -0.49 4.78
C GLU A 108 -14.27 -0.34 5.66
N ILE A 109 -14.21 0.78 6.38
CA ILE A 109 -13.06 1.04 7.25
C ILE A 109 -13.33 0.71 8.73
N THR A 110 -14.51 1.07 9.23
CA THR A 110 -14.80 0.88 10.65
C THR A 110 -15.04 -0.58 11.04
N THR A 111 -15.61 -1.36 10.12
CA THR A 111 -16.19 -2.65 10.50
C THR A 111 -15.62 -3.82 9.72
N THR A 112 -15.66 -3.72 8.40
CA THR A 112 -15.25 -4.79 7.49
C THR A 112 -13.75 -5.10 7.55
N ALA A 113 -13.39 -6.34 7.84
CA ALA A 113 -11.99 -6.74 7.69
C ALA A 113 -11.76 -7.40 6.32
N GLY A 114 -10.82 -6.86 5.56
CA GLY A 114 -10.53 -7.42 4.25
C GLY A 114 -9.28 -6.82 3.64
N PRO A 115 -8.89 -7.33 2.47
CA PRO A 115 -7.67 -6.90 1.79
C PRO A 115 -7.72 -5.44 1.37
N GLN A 116 -6.55 -4.82 1.36
CA GLN A 116 -6.38 -3.45 0.92
C GLN A 116 -5.36 -3.42 -0.20
N LEU A 117 -5.76 -2.87 -1.34
CA LEU A 117 -4.95 -2.93 -2.53
C LEU A 117 -4.26 -1.57 -2.71
N VAL A 118 -3.01 -1.57 -3.17
CA VAL A 118 -2.25 -0.32 -3.38
C VAL A 118 -1.77 -0.28 -4.82
N VAL A 119 -1.97 0.84 -5.50
CA VAL A 119 -1.66 0.90 -6.93
C VAL A 119 -1.16 2.31 -7.36
N PRO A 120 -0.16 2.36 -8.27
CA PRO A 120 0.33 3.64 -8.79
C PRO A 120 -0.75 4.45 -9.53
N VAL A 121 -0.96 5.68 -9.09
CA VAL A 121 -2.08 6.46 -9.58
C VAL A 121 -1.78 6.97 -10.98
N LEU A 122 -0.50 7.03 -11.33
CA LEU A 122 -0.11 7.47 -12.67
C LEU A 122 -0.45 6.47 -13.78
N ASN A 123 -0.71 5.21 -13.40
CA ASN A 123 -1.12 4.19 -14.35
C ASN A 123 -2.63 4.02 -14.36
N ALA A 124 -3.31 4.61 -15.36
CA ALA A 124 -4.77 4.65 -15.35
C ALA A 124 -5.42 3.28 -15.44
N ARG A 125 -4.85 2.39 -16.24
CA ARG A 125 -5.47 1.07 -16.38
C ARG A 125 -5.28 0.20 -15.12
N PHE A 126 -4.17 0.36 -14.40
CA PHE A 126 -3.98 -0.40 -13.18
C PHE A 126 -4.90 0.16 -12.11
N ALA A 127 -5.02 1.48 -12.08
CA ALA A 127 -5.83 2.14 -11.05
C ALA A 127 -7.29 1.76 -11.22
N LEU A 128 -7.71 1.69 -12.49
CA LEU A 128 -9.07 1.24 -12.84
C LEU A 128 -9.32 -0.23 -12.46
N ASN A 129 -8.37 -1.12 -12.80
CA ASN A 129 -8.46 -2.53 -12.41
C ASN A 129 -8.51 -2.66 -10.88
N ALA A 130 -7.80 -1.76 -10.21
CA ALA A 130 -7.73 -1.77 -8.75
C ALA A 130 -9.06 -1.37 -8.14
N ALA A 131 -9.61 -0.25 -8.63
CA ALA A 131 -10.93 0.18 -8.18
C ALA A 131 -11.97 -0.93 -8.39
N ASN A 132 -11.86 -1.65 -9.50
CA ASN A 132 -12.83 -2.70 -9.81
C ASN A 132 -12.56 -4.01 -9.08
N ALA A 133 -11.42 -4.06 -8.38
CA ALA A 133 -10.98 -5.29 -7.73
C ALA A 133 -11.78 -5.64 -6.49
N ARG A 134 -12.78 -4.81 -6.17
CA ARG A 134 -13.69 -5.06 -5.05
C ARG A 134 -14.35 -6.44 -5.22
N TRP A 135 -14.55 -6.83 -6.49
CA TRP A 135 -15.11 -8.15 -6.81
C TRP A 135 -14.18 -8.88 -7.76
N GLY A 136 -13.90 -10.14 -7.44
CA GLY A 136 -12.89 -10.89 -8.19
C GLY A 136 -13.24 -12.35 -8.35
N SER A 137 -12.94 -12.92 -9.51
CA SER A 137 -13.21 -14.33 -9.75
C SER A 137 -12.24 -15.21 -8.96
N LEU A 138 -12.77 -16.05 -8.08
CA LEU A 138 -11.94 -17.03 -7.38
C LEU A 138 -11.41 -18.11 -8.34
N TYR A 139 -12.20 -18.46 -9.36
CA TYR A 139 -11.75 -19.49 -10.30
C TYR A 139 -10.54 -19.01 -11.10
N ASP A 140 -10.58 -17.76 -11.55
CA ASP A 140 -9.46 -17.18 -12.28
C ASP A 140 -8.23 -17.13 -11.39
N ALA A 141 -8.42 -16.80 -10.12
CA ALA A 141 -7.28 -16.60 -9.23
C ALA A 141 -6.63 -17.93 -8.88
N LEU A 142 -7.43 -18.98 -8.73
CA LEU A 142 -6.91 -20.33 -8.51
C LEU A 142 -6.27 -20.96 -9.77
N TYR A 143 -7.00 -20.95 -10.89
CA TYR A 143 -6.49 -21.53 -12.12
C TYR A 143 -5.21 -20.88 -12.61
N GLY A 144 -5.15 -19.55 -12.53
CA GLY A 144 -4.08 -18.79 -13.16
C GLY A 144 -2.79 -18.64 -12.36
N THR A 145 -2.79 -19.05 -11.10
CA THR A 145 -1.59 -18.94 -10.27
C THR A 145 -1.11 -20.33 -9.83
N ASP A 146 -0.13 -20.38 -8.94
CA ASP A 146 0.38 -21.65 -8.44
C ASP A 146 -0.33 -22.13 -7.17
N VAL A 147 -1.42 -21.49 -6.76
CA VAL A 147 -2.18 -22.01 -5.62
C VAL A 147 -2.68 -23.43 -5.92
N ILE A 148 -3.07 -23.68 -7.16
CA ILE A 148 -3.28 -25.04 -7.64
C ILE A 148 -1.99 -25.50 -8.31
N PRO A 149 -1.31 -26.48 -7.68
CA PRO A 149 -0.01 -26.94 -8.17
C PRO A 149 -0.07 -27.47 -9.61
N GLU A 150 0.88 -27.03 -10.43
CA GLU A 150 0.98 -27.51 -11.80
C GLU A 150 1.66 -28.87 -11.87
N THR A 151 1.07 -29.88 -11.23
CA THR A 151 1.64 -31.21 -11.21
C THR A 151 1.39 -31.91 -12.55
N ASP A 152 1.91 -33.13 -12.66
CA ASP A 152 1.68 -33.95 -13.84
C ASP A 152 0.17 -34.05 -14.08
N GLY A 153 -0.26 -33.62 -15.26
CA GLY A 153 -1.69 -33.68 -15.59
C GLY A 153 -2.47 -32.40 -15.34
N ALA A 154 -2.07 -31.61 -14.33
CA ALA A 154 -2.81 -30.39 -13.97
C ALA A 154 -2.05 -29.11 -14.35
N GLU A 155 -1.28 -29.17 -15.42
CA GLU A 155 -0.50 -28.01 -15.83
C GLU A 155 -1.27 -27.06 -16.74
N LYS A 156 -0.88 -25.80 -16.71
CA LYS A 156 -1.48 -24.76 -17.56
C LYS A 156 -0.91 -24.84 -18.95
N GLY A 157 -1.79 -24.83 -19.94
CA GLY A 157 -1.35 -24.84 -21.33
C GLY A 157 -2.01 -23.69 -22.07
N PRO A 158 -1.97 -23.72 -23.41
CA PRO A 158 -2.64 -22.66 -24.17
C PRO A 158 -4.17 -22.75 -24.05
N THR A 159 -4.68 -23.96 -23.87
CA THR A 159 -6.13 -24.15 -23.72
C THR A 159 -6.51 -24.75 -22.36
N TYR A 160 -7.79 -24.67 -22.03
CA TYR A 160 -8.30 -25.06 -20.72
C TYR A 160 -7.96 -26.51 -20.39
N ASN A 161 -7.39 -26.74 -19.20
CA ASN A 161 -7.09 -28.08 -18.72
C ASN A 161 -8.16 -28.49 -17.72
N LYS A 162 -9.06 -29.38 -18.14
CA LYS A 162 -10.21 -29.76 -17.31
C LYS A 162 -9.82 -30.49 -16.03
N VAL A 163 -8.71 -31.22 -16.04
CA VAL A 163 -8.19 -31.80 -14.80
C VAL A 163 -7.82 -30.70 -13.80
N ARG A 164 -7.12 -29.67 -14.27
CA ARG A 164 -6.76 -28.54 -13.40
C ARG A 164 -8.05 -27.84 -12.96
N GLY A 165 -8.94 -27.62 -13.92
CA GLY A 165 -10.25 -27.04 -13.68
C GLY A 165 -11.01 -27.73 -12.56
N ASP A 166 -11.00 -29.07 -12.57
CA ASP A 166 -11.69 -29.83 -11.53
C ASP A 166 -11.10 -29.61 -10.13
N LYS A 167 -9.78 -29.45 -10.06
CA LYS A 167 -9.12 -29.08 -8.80
C LYS A 167 -9.55 -27.68 -8.31
N VAL A 168 -9.63 -26.74 -9.24
CA VAL A 168 -10.09 -25.38 -8.93
C VAL A 168 -11.47 -25.49 -8.30
N ILE A 169 -12.36 -26.22 -8.99
CA ILE A 169 -13.73 -26.40 -8.51
C ILE A 169 -13.75 -27.02 -7.12
N ALA A 170 -12.99 -28.10 -6.92
CA ALA A 170 -12.94 -28.75 -5.61
C ALA A 170 -12.36 -27.85 -4.50
N TYR A 171 -11.32 -27.08 -4.83
CA TYR A 171 -10.80 -26.12 -3.86
C TYR A 171 -11.92 -25.16 -3.43
N ALA A 172 -12.65 -24.64 -4.42
CA ALA A 172 -13.73 -23.68 -4.12
C ALA A 172 -14.90 -24.31 -3.35
N ARG A 173 -15.20 -25.58 -3.61
CA ARG A 173 -16.28 -26.23 -2.87
C ARG A 173 -15.91 -26.37 -1.41
N LYS A 174 -14.67 -26.75 -1.16
CA LYS A 174 -14.19 -26.90 0.20
C LYS A 174 -14.18 -25.55 0.93
N PHE A 175 -13.83 -24.47 0.22
CA PHE A 175 -13.89 -23.13 0.79
C PHE A 175 -15.33 -22.80 1.19
N LEU A 176 -16.27 -23.26 0.37
CA LEU A 176 -17.67 -22.96 0.63
C LEU A 176 -18.15 -23.69 1.86
N ASP A 177 -17.71 -24.95 2.01
CA ASP A 177 -18.09 -25.76 3.14
C ASP A 177 -17.55 -25.17 4.43
N ASP A 178 -16.36 -24.59 4.34
CA ASP A 178 -15.66 -24.03 5.50
C ASP A 178 -16.24 -22.68 5.91
N SER A 179 -16.78 -21.92 4.96
CA SER A 179 -17.18 -20.53 5.21
C SER A 179 -18.67 -20.33 5.45
N VAL A 180 -19.49 -21.05 4.68
CA VAL A 180 -20.95 -20.97 4.77
C VAL A 180 -21.54 -22.39 4.85
N PRO A 181 -21.33 -23.09 5.98
CA PRO A 181 -21.68 -24.52 6.06
C PRO A 181 -23.16 -24.85 5.82
N LEU A 182 -23.41 -25.97 5.15
CA LEU A 182 -24.76 -26.50 4.98
C LEU A 182 -25.21 -27.12 6.29
N SER A 183 -26.52 -27.18 6.53
CA SER A 183 -27.07 -27.89 7.70
C SER A 183 -26.55 -29.33 7.69
N SER A 184 -26.61 -29.97 6.53
CA SER A 184 -25.96 -31.27 6.32
C SER A 184 -25.40 -31.43 4.91
N GLY A 185 -24.40 -32.28 4.78
CA GLY A 185 -23.78 -32.53 3.50
C GLY A 185 -22.74 -31.48 3.13
N SER A 186 -22.36 -31.51 1.86
CA SER A 186 -21.29 -30.67 1.34
C SER A 186 -21.73 -30.03 0.04
N PHE A 187 -21.24 -28.82 -0.23
CA PHE A 187 -21.47 -28.18 -1.51
C PHE A 187 -20.90 -29.03 -2.64
N GLY A 188 -19.93 -29.88 -2.32
CA GLY A 188 -19.36 -30.77 -3.32
C GLY A 188 -20.41 -31.70 -3.91
N ASP A 189 -21.49 -31.94 -3.17
CA ASP A 189 -22.53 -32.86 -3.60
C ASP A 189 -23.80 -32.15 -4.07
N ALA A 190 -23.77 -30.82 -4.03
CA ALA A 190 -24.94 -30.04 -4.41
C ALA A 190 -25.26 -30.26 -5.88
N THR A 191 -26.55 -30.25 -6.21
CA THR A 191 -27.00 -30.45 -7.59
C THR A 191 -27.81 -29.26 -8.07
N GLY A 192 -28.17 -28.37 -7.15
CA GLY A 192 -28.92 -27.18 -7.51
C GLY A 192 -29.15 -26.23 -6.35
N PHE A 193 -29.59 -25.02 -6.69
CA PHE A 193 -29.88 -23.99 -5.70
C PHE A 193 -31.21 -23.34 -6.04
N THR A 194 -32.11 -23.28 -5.08
CA THR A 194 -33.34 -22.51 -5.27
C THR A 194 -33.58 -21.63 -4.07
N VAL A 195 -34.43 -20.63 -4.23
CA VAL A 195 -34.79 -19.79 -3.11
C VAL A 195 -36.27 -20.02 -2.83
N GLN A 196 -36.57 -20.47 -1.62
CA GLN A 196 -37.95 -20.83 -1.27
C GLN A 196 -38.44 -20.19 0.01
N ASP A 197 -39.52 -19.43 -0.12
CA ASP A 197 -40.02 -18.57 0.93
C ASP A 197 -38.90 -17.75 1.58
N GLY A 198 -38.02 -17.18 0.75
CA GLY A 198 -36.98 -16.28 1.23
C GLY A 198 -35.77 -16.94 1.86
N GLN A 199 -35.69 -18.27 1.77
CA GLN A 199 -34.53 -19.01 2.26
C GLN A 199 -33.87 -19.83 1.15
N LEU A 200 -32.55 -19.97 1.23
CA LEU A 200 -31.80 -20.72 0.23
C LEU A 200 -31.96 -22.20 0.49
N VAL A 201 -32.23 -22.96 -0.58
CA VAL A 201 -32.36 -24.42 -0.51
C VAL A 201 -31.35 -25.08 -1.45
N VAL A 202 -30.49 -25.92 -0.90
CA VAL A 202 -29.47 -26.57 -1.70
C VAL A 202 -29.84 -28.02 -1.94
N ALA A 203 -30.02 -28.39 -3.21
CA ALA A 203 -30.37 -29.75 -3.54
C ALA A 203 -29.15 -30.66 -3.44
N LEU A 204 -29.27 -31.72 -2.65
CA LEU A 204 -28.28 -32.79 -2.60
C LEU A 204 -28.82 -34.00 -3.39
N PRO A 205 -27.96 -34.97 -3.75
CA PRO A 205 -28.48 -36.03 -4.63
C PRO A 205 -29.56 -36.91 -3.99
N ASP A 206 -29.78 -36.73 -2.69
CA ASP A 206 -30.63 -37.62 -1.90
C ASP A 206 -31.72 -36.86 -1.14
N LYS A 207 -31.55 -35.54 -1.01
CA LYS A 207 -32.47 -34.70 -0.25
C LYS A 207 -32.10 -33.24 -0.46
N SER A 208 -32.79 -32.33 0.24
CA SER A 208 -32.42 -30.92 0.18
C SER A 208 -32.03 -30.41 1.56
N THR A 209 -31.29 -29.30 1.60
CA THR A 209 -30.84 -28.74 2.87
C THR A 209 -30.68 -27.24 2.79
N GLY A 210 -30.63 -26.59 3.94
CA GLY A 210 -30.43 -25.16 4.04
C GLY A 210 -29.08 -24.86 4.64
N LEU A 211 -28.75 -23.58 4.75
CA LEU A 211 -27.53 -23.17 5.42
C LEU A 211 -27.64 -23.47 6.90
N ALA A 212 -26.52 -23.78 7.54
CA ALA A 212 -26.50 -24.02 8.98
C ALA A 212 -26.87 -22.73 9.68
N ASN A 213 -26.44 -21.60 9.10
CA ASN A 213 -26.86 -20.30 9.55
C ASN A 213 -27.54 -19.55 8.42
N PRO A 214 -28.88 -19.55 8.42
CA PRO A 214 -29.73 -18.93 7.39
C PRO A 214 -29.39 -17.45 7.14
N GLY A 215 -28.95 -16.75 8.18
CA GLY A 215 -28.51 -15.37 8.07
C GLY A 215 -27.34 -15.10 7.15
N GLN A 216 -26.63 -16.15 6.73
CA GLN A 216 -25.54 -15.97 5.77
C GLN A 216 -26.09 -15.89 4.34
N PHE A 217 -27.39 -16.09 4.19
CA PHE A 217 -28.02 -15.88 2.90
C PHE A 217 -28.34 -14.40 2.70
N ALA A 218 -27.65 -13.78 1.75
CA ALA A 218 -27.67 -12.33 1.60
C ALA A 218 -28.52 -11.84 0.42
N GLY A 219 -28.72 -12.70 -0.58
CA GLY A 219 -29.50 -12.32 -1.76
C GLY A 219 -29.33 -13.23 -2.96
N TYR A 220 -29.84 -12.77 -4.10
CA TYR A 220 -29.72 -13.55 -5.31
C TYR A 220 -30.03 -12.68 -6.51
N THR A 221 -29.68 -13.19 -7.70
CA THR A 221 -30.11 -12.58 -8.95
C THR A 221 -30.91 -13.63 -9.72
N GLY A 222 -31.77 -13.17 -10.63
CA GLY A 222 -32.66 -14.04 -11.34
C GLY A 222 -33.89 -14.42 -10.54
N ALA A 223 -34.66 -15.36 -11.06
CA ALA A 223 -35.87 -15.85 -10.42
C ALA A 223 -35.52 -16.70 -9.22
N ALA A 224 -36.33 -16.63 -8.17
CA ALA A 224 -36.10 -17.46 -6.98
C ALA A 224 -36.08 -18.97 -7.29
N GLU A 225 -36.95 -19.40 -8.21
CA GLU A 225 -37.06 -20.81 -8.62
C GLU A 225 -35.88 -21.24 -9.47
N SER A 226 -35.16 -20.29 -10.04
CA SER A 226 -34.04 -20.59 -10.94
C SER A 226 -32.98 -19.48 -10.94
N PRO A 227 -32.36 -19.22 -9.79
CA PRO A 227 -31.50 -18.03 -9.73
C PRO A 227 -30.23 -18.13 -10.62
N THR A 228 -29.82 -16.99 -11.16
CA THR A 228 -28.59 -16.95 -11.95
C THR A 228 -27.39 -16.88 -11.02
N SER A 229 -27.63 -16.42 -9.79
CA SER A 229 -26.60 -16.43 -8.77
C SER A 229 -27.19 -16.35 -7.38
N VAL A 230 -26.36 -16.72 -6.41
CA VAL A 230 -26.72 -16.76 -5.02
C VAL A 230 -25.63 -16.01 -4.23
N LEU A 231 -26.05 -15.01 -3.46
CA LEU A 231 -25.12 -14.20 -2.67
C LEU A 231 -25.12 -14.63 -1.21
N LEU A 232 -23.92 -14.89 -0.67
CA LEU A 232 -23.74 -15.26 0.73
C LEU A 232 -22.87 -14.23 1.42
N ILE A 233 -22.84 -14.27 2.75
CA ILE A 233 -21.99 -13.37 3.52
C ILE A 233 -21.37 -14.13 4.71
N ASN A 234 -20.09 -13.87 4.95
CA ASN A 234 -19.39 -14.49 6.06
C ASN A 234 -18.32 -13.54 6.55
N HIS A 235 -18.30 -13.27 7.86
CA HIS A 235 -17.41 -12.27 8.46
C HIS A 235 -17.48 -10.91 7.74
N GLY A 236 -18.67 -10.51 7.31
CA GLY A 236 -18.86 -9.21 6.68
C GLY A 236 -18.43 -9.15 5.23
N LEU A 237 -17.94 -10.26 4.69
CA LEU A 237 -17.49 -10.33 3.29
C LEU A 237 -18.44 -11.17 2.43
N HIS A 238 -18.71 -10.70 1.21
CA HIS A 238 -19.66 -11.39 0.33
C HIS A 238 -19.00 -12.44 -0.53
N ILE A 239 -19.76 -13.50 -0.78
CA ILE A 239 -19.40 -14.58 -1.67
C ILE A 239 -20.57 -14.75 -2.64
N GLU A 240 -20.30 -14.83 -3.94
CA GLU A 240 -21.37 -14.99 -4.92
C GLU A 240 -21.15 -16.20 -5.82
N ILE A 241 -21.99 -17.21 -5.64
CA ILE A 241 -21.99 -18.38 -6.53
C ILE A 241 -22.76 -18.04 -7.80
N LEU A 242 -22.06 -17.99 -8.93
CA LEU A 242 -22.71 -17.81 -10.23
C LEU A 242 -23.18 -19.15 -10.78
N ILE A 243 -24.42 -19.19 -11.26
CA ILE A 243 -25.05 -20.42 -11.72
C ILE A 243 -25.31 -20.35 -13.22
N ASP A 244 -24.60 -21.16 -14.01
CA ASP A 244 -24.81 -21.17 -15.46
C ASP A 244 -24.34 -22.47 -16.14
N PRO A 245 -25.26 -23.43 -16.26
CA PRO A 245 -24.98 -24.74 -16.85
C PRO A 245 -24.57 -24.64 -18.30
N GLU A 246 -24.96 -23.56 -18.97
CA GLU A 246 -24.60 -23.38 -20.37
C GLU A 246 -23.22 -22.78 -20.58
N SER A 247 -22.35 -22.83 -19.59
CA SER A 247 -21.04 -22.21 -19.74
C SER A 247 -19.91 -23.24 -19.76
N GLN A 248 -18.73 -22.82 -20.21
CA GLN A 248 -17.57 -23.70 -20.34
C GLN A 248 -17.36 -24.53 -19.07
N VAL A 249 -17.31 -23.85 -17.95
CA VAL A 249 -17.07 -24.48 -16.66
C VAL A 249 -18.38 -25.04 -16.09
N GLY A 250 -19.47 -24.33 -16.35
CA GLY A 250 -20.76 -24.73 -15.86
C GLY A 250 -21.22 -26.07 -16.38
N THR A 251 -20.91 -26.40 -17.64
CA THR A 251 -21.34 -27.68 -18.20
C THR A 251 -20.66 -28.86 -17.51
N THR A 252 -19.55 -28.61 -16.85
CA THR A 252 -18.80 -29.69 -16.22
C THR A 252 -19.21 -29.88 -14.75
N ASP A 253 -19.80 -28.84 -14.17
CA ASP A 253 -20.07 -28.82 -12.74
C ASP A 253 -21.35 -29.57 -12.39
N ARG A 254 -21.37 -30.21 -11.23
CA ARG A 254 -22.52 -31.01 -10.80
C ARG A 254 -23.74 -30.17 -10.44
N ALA A 255 -23.55 -28.86 -10.25
CA ALA A 255 -24.69 -28.02 -9.94
C ALA A 255 -24.84 -26.89 -10.96
N GLY A 256 -24.10 -26.98 -12.06
CA GLY A 256 -24.12 -25.97 -13.10
C GLY A 256 -23.40 -24.70 -12.68
N VAL A 257 -22.58 -24.78 -11.63
CA VAL A 257 -21.88 -23.61 -11.12
C VAL A 257 -20.76 -23.16 -12.04
N LYS A 258 -20.76 -21.86 -12.38
CA LYS A 258 -19.82 -21.29 -13.33
C LYS A 258 -18.58 -20.68 -12.67
N ASP A 259 -18.75 -20.06 -11.50
CA ASP A 259 -17.64 -19.39 -10.83
C ASP A 259 -18.07 -19.09 -9.40
N VAL A 260 -17.09 -18.77 -8.57
CA VAL A 260 -17.33 -18.21 -7.26
C VAL A 260 -16.64 -16.86 -7.23
N ILE A 261 -17.42 -15.80 -7.04
CA ILE A 261 -16.89 -14.43 -6.98
C ILE A 261 -16.76 -13.99 -5.53
N LEU A 262 -15.60 -13.45 -5.17
CA LEU A 262 -15.33 -13.05 -3.79
C LEU A 262 -15.25 -11.55 -3.70
N GLU A 263 -15.89 -10.98 -2.69
CA GLU A 263 -15.63 -9.59 -2.36
C GLU A 263 -14.17 -9.52 -1.88
N SER A 264 -13.34 -8.77 -2.58
CA SER A 264 -11.88 -8.88 -2.46
C SER A 264 -11.19 -7.61 -1.95
N ALA A 265 -10.92 -6.66 -2.84
CA ALA A 265 -10.33 -5.40 -2.41
C ALA A 265 -11.42 -4.49 -1.89
N ILE A 266 -11.65 -4.50 -0.58
CA ILE A 266 -12.69 -3.67 0.01
C ILE A 266 -12.28 -2.20 -0.08
N THR A 267 -11.00 -1.95 0.09
CA THR A 267 -10.46 -0.60 -0.06
C THR A 267 -9.25 -0.64 -0.98
N THR A 268 -8.98 0.49 -1.61
CA THR A 268 -7.82 0.62 -2.48
C THR A 268 -7.13 1.95 -2.23
N ILE A 269 -5.81 1.92 -2.16
CA ILE A 269 -5.03 3.14 -2.00
C ILE A 269 -4.46 3.58 -3.33
N MET A 270 -4.94 4.71 -3.83
CA MET A 270 -4.42 5.30 -5.07
C MET A 270 -3.16 6.09 -4.74
N ASP A 271 -2.01 5.60 -5.22
CA ASP A 271 -0.73 6.02 -4.67
C ASP A 271 -0.05 7.14 -5.45
N PHE A 272 0.26 8.26 -4.79
CA PHE A 272 1.08 9.33 -5.35
C PHE A 272 2.54 9.26 -4.84
N GLU A 273 2.83 8.32 -3.96
CA GLU A 273 4.12 8.26 -3.29
C GLU A 273 5.04 7.18 -3.89
N ASP A 274 5.41 6.20 -3.08
CA ASP A 274 6.52 5.30 -3.40
C ASP A 274 6.38 4.42 -4.66
N SER A 275 5.15 4.21 -5.15
CA SER A 275 4.97 3.39 -6.36
C SER A 275 4.90 4.16 -7.70
N VAL A 276 5.09 5.48 -7.65
CA VAL A 276 5.11 6.28 -8.89
C VAL A 276 6.36 7.17 -8.97
N ALA A 277 6.72 7.55 -10.18
CA ALA A 277 7.80 8.49 -10.43
C ALA A 277 7.17 9.77 -10.92
N ALA A 278 7.26 10.83 -10.12
CA ALA A 278 6.68 12.10 -10.51
C ALA A 278 7.57 13.22 -9.97
N VAL A 279 8.18 13.98 -10.88
CA VAL A 279 9.28 14.87 -10.50
C VAL A 279 9.08 16.32 -10.92
N ASP A 280 7.92 16.62 -11.49
CA ASP A 280 7.60 17.96 -11.97
C ASP A 280 6.09 18.11 -12.13
N ALA A 281 5.67 19.28 -12.61
CA ALA A 281 4.24 19.56 -12.70
C ALA A 281 3.56 18.64 -13.71
N ALA A 282 4.23 18.36 -14.82
CA ALA A 282 3.65 17.53 -15.86
C ALA A 282 3.31 16.16 -15.29
N ASP A 283 4.23 15.62 -14.50
CA ASP A 283 4.03 14.32 -13.86
C ASP A 283 2.92 14.36 -12.79
N LYS A 284 2.92 15.39 -11.94
CA LYS A 284 1.89 15.55 -10.93
C LYS A 284 0.52 15.68 -11.57
N VAL A 285 0.41 16.46 -12.64
CA VAL A 285 -0.88 16.63 -13.32
C VAL A 285 -1.46 15.31 -13.85
N LEU A 286 -0.63 14.47 -14.45
CA LEU A 286 -1.08 13.18 -14.94
C LEU A 286 -1.75 12.40 -13.82
N GLY A 287 -1.09 12.42 -12.66
CA GLY A 287 -1.60 11.75 -11.47
C GLY A 287 -2.87 12.40 -10.94
N TYR A 288 -2.86 13.72 -10.82
CA TYR A 288 -4.05 14.43 -10.37
C TYR A 288 -5.23 14.16 -11.32
N ARG A 289 -4.97 14.08 -12.62
CA ARG A 289 -6.05 13.86 -13.58
C ARG A 289 -6.67 12.48 -13.47
N ASN A 290 -5.84 11.47 -13.25
CA ASN A 290 -6.35 10.14 -12.94
C ASN A 290 -7.18 10.09 -11.65
N TRP A 291 -6.67 10.71 -10.58
CA TRP A 291 -7.38 10.76 -9.30
C TRP A 291 -8.72 11.51 -9.49
N LEU A 292 -8.71 12.52 -10.35
CA LEU A 292 -9.93 13.23 -10.68
C LEU A 292 -10.94 12.33 -11.43
N GLY A 293 -10.47 11.64 -12.48
CA GLY A 293 -11.32 10.74 -13.25
C GLY A 293 -11.90 9.65 -12.38
N LEU A 294 -11.11 9.16 -11.43
CA LEU A 294 -11.59 8.18 -10.46
C LEU A 294 -12.74 8.70 -9.62
N ASN A 295 -12.62 9.90 -9.05
CA ASN A 295 -13.67 10.44 -8.18
C ASN A 295 -14.95 10.88 -8.93
N LYS A 296 -14.80 11.29 -10.18
CA LYS A 296 -15.95 11.67 -10.99
C LYS A 296 -16.64 10.48 -11.66
N GLY A 297 -15.97 9.33 -11.70
CA GLY A 297 -16.55 8.13 -12.28
C GLY A 297 -16.27 7.94 -13.75
N ASP A 298 -15.56 8.89 -14.35
CA ASP A 298 -15.38 8.90 -15.79
C ASP A 298 -13.97 8.57 -16.31
N LEU A 299 -13.06 8.11 -15.45
CA LEU A 299 -11.78 7.66 -15.94
C LEU A 299 -11.98 6.44 -16.86
N ALA A 300 -11.32 6.45 -18.01
CA ALA A 300 -11.34 5.31 -18.92
C ALA A 300 -10.01 5.15 -19.65
N ALA A 301 -9.53 3.91 -19.74
CA ALA A 301 -8.24 3.62 -20.39
C ALA A 301 -8.44 2.92 -21.73
N ALA A 302 -7.34 2.80 -22.47
CA ALA A 302 -7.33 2.42 -23.89
C ALA A 302 -7.87 1.02 -24.27
N VAL A 303 -6.97 0.20 -24.82
CA VAL A 303 -7.24 -1.16 -25.31
C VAL A 303 -8.71 -1.57 -25.58
N ARG A 312 -10.95 -0.90 -18.95
CA ARG A 312 -11.47 0.26 -19.67
C ARG A 312 -12.22 1.22 -18.77
N VAL A 313 -13.35 0.79 -18.19
CA VAL A 313 -14.17 1.69 -17.37
C VAL A 313 -14.38 1.22 -15.92
N LEU A 314 -14.89 2.12 -15.09
CA LEU A 314 -15.24 1.81 -13.71
C LEU A 314 -16.53 1.02 -13.62
N ASN A 315 -16.47 -0.13 -12.97
CA ASN A 315 -17.66 -0.94 -12.73
C ASN A 315 -18.80 -0.18 -12.04
N ARG A 316 -20.03 -0.47 -12.46
CA ARG A 316 -21.20 0.05 -11.78
C ARG A 316 -21.46 -0.77 -10.50
N ASP A 317 -22.33 -0.27 -9.65
CA ASP A 317 -22.75 -1.05 -8.49
C ASP A 317 -23.51 -2.30 -8.95
N ARG A 318 -23.59 -3.29 -8.06
CA ARG A 318 -24.14 -4.60 -8.41
C ARG A 318 -25.54 -4.74 -7.83
N ASN A 319 -26.47 -5.20 -8.67
CA ASN A 319 -27.88 -5.34 -8.26
C ASN A 319 -28.27 -6.73 -7.77
N TYR A 320 -29.04 -6.76 -6.67
CA TYR A 320 -29.48 -8.01 -6.05
C TYR A 320 -30.92 -7.92 -5.59
N THR A 321 -31.52 -9.07 -5.31
CA THR A 321 -32.84 -9.14 -4.69
C THR A 321 -32.60 -9.67 -3.30
N ALA A 322 -33.12 -8.99 -2.29
CA ALA A 322 -32.97 -9.47 -0.92
C ALA A 322 -33.85 -10.71 -0.77
N PRO A 323 -33.48 -11.62 0.15
CA PRO A 323 -34.32 -12.81 0.41
C PRO A 323 -35.73 -12.37 0.81
N GLY A 324 -35.80 -11.39 1.71
CA GLY A 324 -37.06 -10.80 2.13
C GLY A 324 -37.91 -10.29 0.97
N GLY A 325 -37.26 -9.84 -0.09
CA GLY A 325 -37.97 -9.45 -1.29
C GLY A 325 -37.56 -8.28 -2.17
N GLY A 326 -36.79 -7.31 -1.68
CA GLY A 326 -36.57 -6.08 -2.45
C GLY A 326 -35.26 -5.87 -3.17
N GLN A 327 -35.27 -5.09 -4.24
CA GLN A 327 -34.03 -4.70 -4.93
C GLN A 327 -33.10 -3.90 -4.01
N PHE A 328 -31.81 -4.27 -4.02
CA PHE A 328 -30.79 -3.45 -3.40
C PHE A 328 -29.48 -3.49 -4.18
N THR A 329 -28.54 -2.70 -3.72
CA THR A 329 -27.28 -2.53 -4.42
C THR A 329 -26.09 -2.76 -3.50
N LEU A 330 -25.05 -3.40 -4.01
CA LEU A 330 -23.77 -3.44 -3.31
C LEU A 330 -22.77 -2.64 -4.13
N PRO A 331 -21.81 -1.99 -3.45
CA PRO A 331 -20.79 -1.18 -4.12
C PRO A 331 -20.03 -2.01 -5.16
N GLY A 332 -19.82 -1.47 -6.36
CA GLY A 332 -19.07 -2.18 -7.38
C GLY A 332 -17.59 -1.87 -7.35
N ARG A 333 -17.20 -0.90 -6.52
CA ARG A 333 -15.80 -0.49 -6.42
C ARG A 333 -15.28 -0.53 -4.98
N SER A 334 -13.96 -0.64 -4.82
CA SER A 334 -13.36 -0.44 -3.51
C SER A 334 -13.48 1.01 -3.13
N LEU A 335 -13.66 1.27 -1.85
CA LEU A 335 -13.60 2.62 -1.32
C LEU A 335 -12.17 3.10 -1.43
N MET A 336 -11.97 4.29 -1.99
CA MET A 336 -10.63 4.76 -2.33
C MET A 336 -9.99 5.71 -1.32
N PHE A 337 -8.76 5.38 -0.93
CA PHE A 337 -7.88 6.29 -0.19
C PHE A 337 -6.96 6.84 -1.24
N VAL A 338 -6.27 7.92 -0.90
CA VAL A 338 -5.19 8.40 -1.75
C VAL A 338 -3.97 8.52 -0.84
N ARG A 339 -2.82 8.06 -1.30
CA ARG A 339 -1.60 8.27 -0.53
C ARG A 339 -0.84 9.46 -1.08
N ASN A 340 -0.86 10.54 -0.29
CA ASN A 340 -0.09 11.76 -0.53
C ASN A 340 1.39 11.48 -0.26
N VAL A 341 2.30 12.33 -0.74
CA VAL A 341 3.70 12.21 -0.34
C VAL A 341 3.83 12.75 1.08
N GLY A 342 4.94 12.40 1.74
CA GLY A 342 5.21 12.87 3.08
C GLY A 342 5.88 14.23 3.14
N HIS A 343 6.38 14.59 4.32
CA HIS A 343 6.84 15.95 4.61
C HIS A 343 8.19 16.38 4.00
N LEU A 344 8.94 15.45 3.41
CA LEU A 344 10.31 15.74 3.03
C LEU A 344 10.43 16.61 1.78
N MET A 345 9.86 16.13 0.67
CA MET A 345 10.24 16.64 -0.65
C MET A 345 9.57 17.94 -1.06
N THR A 346 10.27 18.69 -1.91
CA THR A 346 9.68 19.84 -2.61
C THR A 346 9.52 19.50 -4.09
N ASN A 347 8.69 20.27 -4.79
CA ASN A 347 8.49 20.03 -6.21
C ASN A 347 8.35 21.37 -6.93
N ASP A 348 9.01 21.51 -8.07
CA ASP A 348 9.01 22.81 -8.74
C ASP A 348 7.70 23.11 -9.50
N ALA A 349 6.72 22.22 -9.39
CA ALA A 349 5.38 22.49 -9.90
C ALA A 349 4.91 23.86 -9.41
N ILE A 350 5.35 24.24 -8.21
CA ILE A 350 5.15 25.60 -7.74
C ILE A 350 6.45 26.09 -7.13
N VAL A 351 6.92 27.27 -7.54
CA VAL A 351 8.07 27.89 -6.90
C VAL A 351 7.68 29.22 -6.29
N ASP A 352 8.43 29.72 -5.32
CA ASP A 352 8.13 31.07 -4.81
C ASP A 352 8.89 32.14 -5.60
N THR A 353 8.82 33.38 -5.16
CA THR A 353 9.46 34.46 -5.90
C THR A 353 11.00 34.40 -5.82
N ASP A 354 11.52 33.77 -4.76
CA ASP A 354 12.96 33.57 -4.62
C ASP A 354 13.44 32.38 -5.46
N GLY A 355 12.50 31.72 -6.15
CA GLY A 355 12.83 30.54 -6.94
C GLY A 355 12.85 29.24 -6.15
N SER A 356 12.46 29.31 -4.89
CA SER A 356 12.42 28.11 -4.05
C SER A 356 11.20 27.25 -4.36
N GLU A 357 11.42 25.95 -4.43
CA GLU A 357 10.36 24.98 -4.67
C GLU A 357 9.41 24.90 -3.49
N VAL A 358 8.16 24.56 -3.76
CA VAL A 358 7.18 24.46 -2.70
C VAL A 358 7.11 23.03 -2.19
N PHE A 359 6.89 22.87 -0.89
CA PHE A 359 6.68 21.57 -0.27
C PHE A 359 5.56 20.76 -0.95
N GLU A 360 5.92 19.56 -1.39
CA GLU A 360 5.04 18.72 -2.21
C GLU A 360 3.93 18.08 -1.39
N GLY A 361 4.18 17.84 -0.11
CA GLY A 361 3.13 17.30 0.75
C GLY A 361 2.01 18.30 0.97
N ILE A 362 2.37 19.58 1.07
CA ILE A 362 1.35 20.62 1.21
C ILE A 362 0.52 20.72 -0.08
N MET A 363 1.19 20.70 -1.22
CA MET A 363 0.50 20.69 -2.49
C MET A 363 -0.47 19.51 -2.62
N ASP A 364 -0.02 18.30 -2.25
CA ASP A 364 -0.87 17.09 -2.38
C ASP A 364 -2.15 17.23 -1.54
N ALA A 365 -2.03 17.73 -0.32
CA ALA A 365 -3.20 17.98 0.52
C ALA A 365 -4.23 18.88 -0.15
N LEU A 366 -3.77 20.03 -0.66
CA LEU A 366 -4.63 20.98 -1.34
C LEU A 366 -5.27 20.36 -2.57
N PHE A 367 -4.45 19.74 -3.41
CA PHE A 367 -4.95 19.23 -4.69
C PHE A 367 -5.69 17.88 -4.65
N THR A 368 -5.17 16.90 -3.92
CA THR A 368 -5.92 15.64 -3.80
C THR A 368 -7.16 15.87 -2.93
N GLY A 369 -7.06 16.77 -1.96
CA GLY A 369 -8.19 17.18 -1.15
C GLY A 369 -9.26 17.83 -1.99
N LEU A 370 -8.88 18.81 -2.81
CA LEU A 370 -9.81 19.46 -3.74
C LEU A 370 -10.52 18.45 -4.62
N ILE A 371 -9.71 17.64 -5.29
CA ILE A 371 -10.21 16.65 -6.24
C ILE A 371 -11.15 15.63 -5.60
N ALA A 372 -10.84 15.23 -4.37
CA ALA A 372 -11.63 14.23 -3.63
C ALA A 372 -13.09 14.63 -3.40
N ILE A 373 -13.37 15.94 -3.41
CA ILE A 373 -14.74 16.45 -3.29
C ILE A 373 -15.70 15.83 -4.34
N HIS A 374 -15.19 15.57 -5.54
CA HIS A 374 -16.02 14.95 -6.58
C HIS A 374 -16.50 13.54 -6.23
N GLY A 375 -15.78 12.86 -5.34
CA GLY A 375 -16.15 11.52 -4.95
C GLY A 375 -17.18 11.55 -3.83
N LEU A 376 -17.49 12.74 -3.33
CA LEU A 376 -18.54 12.91 -2.31
C LEU A 376 -19.88 13.28 -2.95
N LYS A 377 -19.90 13.46 -4.26
CA LYS A 377 -21.14 13.83 -4.92
C LYS A 377 -21.46 12.91 -6.08
N ALA A 378 -22.70 12.95 -6.54
CA ALA A 378 -23.15 12.12 -7.64
C ALA A 378 -22.25 12.25 -8.87
N SER A 379 -21.82 11.10 -9.41
CA SER A 379 -21.12 11.11 -10.69
C SER A 379 -22.17 11.45 -11.74
N ASP A 380 -21.73 11.95 -12.89
CA ASP A 380 -22.66 12.12 -14.00
C ASP A 380 -22.29 11.18 -15.15
N GLY A 383 -25.43 8.58 -12.31
CA GLY A 383 -25.13 7.57 -11.31
C GLY A 383 -24.84 8.14 -9.93
N PRO A 384 -24.97 7.30 -8.88
CA PRO A 384 -24.69 7.76 -7.50
C PRO A 384 -23.22 8.07 -7.27
N LEU A 385 -22.93 8.75 -6.15
CA LEU A 385 -21.58 9.16 -5.79
C LEU A 385 -20.61 7.98 -5.75
N ILE A 386 -19.39 8.24 -6.23
CA ILE A 386 -18.38 7.20 -6.39
C ILE A 386 -17.80 6.70 -5.07
N ASN A 387 -17.50 7.61 -4.14
CA ASN A 387 -16.75 7.21 -2.95
C ASN A 387 -17.48 7.14 -1.61
N SER A 388 -17.15 8.07 -0.71
CA SER A 388 -17.66 8.03 0.67
C SER A 388 -19.11 8.52 0.83
N ARG A 389 -19.98 7.64 1.32
CA ARG A 389 -21.37 8.03 1.52
C ARG A 389 -21.52 8.76 2.83
N THR A 390 -20.55 8.58 3.72
CA THR A 390 -20.60 9.16 5.05
C THR A 390 -19.87 10.50 5.12
N GLY A 391 -19.30 10.93 4.01
CA GLY A 391 -18.74 12.27 3.89
C GLY A 391 -17.27 12.50 4.22
N SER A 392 -16.45 11.45 4.13
CA SER A 392 -15.03 11.60 4.47
C SER A 392 -14.13 11.53 3.24
N ILE A 393 -12.97 12.17 3.36
CA ILE A 393 -11.90 12.05 2.39
C ILE A 393 -10.77 11.30 3.09
N TYR A 394 -10.26 10.24 2.45
CA TYR A 394 -9.29 9.37 3.11
C TYR A 394 -7.87 9.51 2.57
N ILE A 395 -7.01 10.13 3.35
CA ILE A 395 -5.65 10.37 2.89
C ILE A 395 -4.64 9.60 3.72
N VAL A 396 -3.81 8.82 3.05
CA VAL A 396 -2.71 8.11 3.70
C VAL A 396 -1.51 9.03 3.75
N LYS A 397 -0.95 9.20 4.93
CA LYS A 397 0.21 10.08 5.08
C LYS A 397 1.43 9.29 5.50
N PRO A 398 2.39 9.12 4.58
CA PRO A 398 3.52 8.22 4.79
C PRO A 398 4.68 8.93 5.44
N LYS A 399 5.63 8.15 5.93
CA LYS A 399 6.95 8.65 6.33
C LYS A 399 6.99 9.73 7.40
N MET A 400 6.01 9.76 8.30
CA MET A 400 6.05 10.69 9.42
C MET A 400 6.96 10.19 10.53
N HIS A 401 7.70 11.10 11.14
CA HIS A 401 8.58 10.78 12.24
C HIS A 401 8.09 11.38 13.55
N GLY A 402 7.22 10.66 14.26
CA GLY A 402 6.84 11.11 15.60
C GLY A 402 5.62 12.04 15.70
N PRO A 403 5.18 12.32 16.93
CA PRO A 403 3.88 12.97 17.09
C PRO A 403 3.78 14.45 16.70
N ALA A 404 4.86 15.21 16.74
CA ALA A 404 4.80 16.60 16.27
C ALA A 404 4.54 16.62 14.77
N GLU A 405 5.10 15.64 14.05
CA GLU A 405 4.89 15.56 12.61
C GLU A 405 3.46 15.18 12.26
N VAL A 406 2.82 14.38 13.14
CA VAL A 406 1.42 14.03 12.97
C VAL A 406 0.52 15.25 13.23
N ALA A 407 0.84 15.97 14.29
CA ALA A 407 0.11 17.19 14.65
C ALA A 407 0.15 18.22 13.51
N PHE A 408 1.29 18.32 12.83
CA PHE A 408 1.41 19.21 11.67
C PHE A 408 0.47 18.79 10.53
N THR A 409 0.40 17.49 10.27
CA THR A 409 -0.52 16.99 9.23
C THR A 409 -1.95 17.34 9.63
N GLU A 411 -2.96 19.94 11.43
CA GLU A 411 -3.18 21.35 11.17
C GLU A 411 -3.20 21.66 9.68
N LEU A 412 -2.36 20.98 8.92
CA LEU A 412 -2.37 21.12 7.47
C LEU A 412 -3.73 20.74 6.87
N PHE A 413 -4.31 19.64 7.34
CA PHE A 413 -5.63 19.23 6.84
C PHE A 413 -6.73 20.22 7.27
N SER A 414 -6.62 20.71 8.51
CA SER A 414 -7.56 21.68 9.05
C SER A 414 -7.59 22.95 8.19
N ARG A 415 -6.41 23.48 7.87
CA ARG A 415 -6.28 24.65 7.01
C ARG A 415 -6.83 24.41 5.60
N VAL A 416 -6.52 23.24 5.04
CA VAL A 416 -7.03 22.89 3.71
C VAL A 416 -8.55 22.76 3.68
N GLU A 417 -9.12 22.19 4.74
CA GLU A 417 -10.56 22.10 4.88
C GLU A 417 -11.21 23.47 4.84
N ASP A 418 -10.54 24.46 5.45
CA ASP A 418 -11.02 25.85 5.43
C ASP A 418 -11.01 26.41 4.02
N VAL A 419 -9.91 26.22 3.31
CA VAL A 419 -9.77 26.69 1.93
C VAL A 419 -10.82 26.06 1.00
N LEU A 420 -11.15 24.80 1.26
CA LEU A 420 -12.07 24.06 0.39
C LEU A 420 -13.53 24.22 0.81
N GLY A 421 -13.76 24.98 1.89
CA GLY A 421 -15.09 25.14 2.44
C GLY A 421 -15.70 23.84 2.96
N LEU A 422 -14.85 22.91 3.39
CA LEU A 422 -15.29 21.62 3.92
C LEU A 422 -15.42 21.70 5.44
N PRO A 423 -16.31 20.88 6.01
CA PRO A 423 -16.41 20.83 7.47
C PRO A 423 -15.10 20.32 8.04
N GLN A 424 -14.76 20.73 9.27
CA GLN A 424 -13.54 20.24 9.92
C GLN A 424 -13.58 18.71 10.06
N ASN A 425 -12.41 18.08 10.00
CA ASN A 425 -12.28 16.64 10.15
C ASN A 425 -12.90 15.78 9.02
N THR A 426 -13.25 16.41 7.90
CA THR A 426 -13.64 15.68 6.71
C THR A 426 -12.44 14.86 6.20
N MET A 427 -11.28 15.49 6.18
CA MET A 427 -10.07 14.85 5.69
C MET A 427 -9.46 13.93 6.76
N LYS A 428 -9.52 12.63 6.50
CA LYS A 428 -9.13 11.62 7.48
C LYS A 428 -7.71 11.17 7.18
N ILE A 429 -7.05 10.61 8.18
CA ILE A 429 -5.65 10.23 8.04
C ILE A 429 -5.41 8.74 8.27
N GLY A 430 -4.87 8.08 7.24
CA GLY A 430 -4.30 6.77 7.43
C GLY A 430 -2.84 6.93 7.80
N ILE A 431 -2.47 6.61 9.03
CA ILE A 431 -1.10 6.81 9.49
C ILE A 431 -0.21 5.61 9.16
N MET A 432 0.83 5.83 8.34
CA MET A 432 1.84 4.81 8.16
C MET A 432 2.74 4.85 9.38
N ASP A 433 2.90 3.68 10.00
CA ASP A 433 3.87 3.43 11.06
C ASP A 433 5.03 2.79 10.32
N GLU A 434 5.95 3.62 9.83
CA GLU A 434 7.03 3.16 8.99
C GLU A 434 8.35 3.92 9.22
N GLU A 435 8.42 4.63 10.34
CA GLU A 435 9.66 5.26 10.81
C GLU A 435 9.85 4.97 12.32
N ARG A 436 11.09 4.77 12.75
CA ARG A 436 11.37 4.36 14.13
C ARG A 436 10.83 5.33 15.18
N ARG A 437 10.98 6.63 14.94
CA ARG A 437 10.51 7.63 15.91
C ARG A 437 8.98 7.67 16.00
N THR A 438 8.33 7.11 15.01
CA THR A 438 6.88 6.93 15.12
C THR A 438 6.55 5.64 15.88
N THR A 439 7.23 4.55 15.52
CA THR A 439 7.03 3.27 16.20
C THR A 439 7.14 3.42 17.71
N VAL A 440 8.21 4.03 18.19
CA VAL A 440 8.47 4.11 19.62
C VAL A 440 7.63 5.17 20.32
N ASN A 441 6.88 5.96 19.56
CA ASN A 441 5.99 6.98 20.13
C ASN A 441 4.58 6.79 19.59
N LEU A 442 4.24 5.55 19.25
CA LEU A 442 3.03 5.30 18.46
C LEU A 442 1.75 5.83 19.11
N LYS A 443 1.61 5.57 20.41
CA LYS A 443 0.40 5.95 21.14
C LYS A 443 0.18 7.45 21.03
N ALA A 444 1.26 8.20 21.29
CA ALA A 444 1.25 9.66 21.12
C ALA A 444 0.96 10.07 19.68
N CYS A 445 1.43 9.30 18.72
CA CYS A 445 1.16 9.61 17.30
C CYS A 445 -0.34 9.48 16.97
N ILE A 446 -0.96 8.42 17.48
CA ILE A 446 -2.39 8.22 17.32
C ILE A 446 -3.20 9.34 18.00
N LYS A 447 -2.79 9.71 19.21
CA LYS A 447 -3.46 10.77 19.97
C LYS A 447 -3.40 12.11 19.25
N ALA A 448 -2.28 12.39 18.59
CA ALA A 448 -2.17 13.64 17.83
C ALA A 448 -3.15 13.67 16.65
N ALA A 449 -3.66 12.51 16.26
CA ALA A 449 -4.63 12.41 15.17
C ALA A 449 -5.97 11.85 15.66
N ALA A 450 -6.25 12.04 16.94
CA ALA A 450 -7.37 11.35 17.59
C ALA A 450 -8.75 11.52 16.93
N ASP A 451 -9.00 12.61 16.23
CA ASP A 451 -10.31 12.71 15.58
C ASP A 451 -10.25 12.66 14.05
N ARG A 452 -9.11 12.24 13.52
CA ARG A 452 -8.92 12.10 12.08
C ARG A 452 -8.48 10.70 11.65
N VAL A 453 -7.97 9.90 12.59
CA VAL A 453 -7.33 8.65 12.21
C VAL A 453 -8.28 7.51 11.80
N VAL A 454 -8.02 6.92 10.62
CA VAL A 454 -8.85 5.84 10.10
C VAL A 454 -8.05 4.55 9.97
N PHE A 455 -6.72 4.68 9.95
CA PHE A 455 -5.88 3.50 10.14
C PHE A 455 -4.48 3.80 10.67
N ILE A 456 -3.87 2.76 11.22
CA ILE A 456 -2.42 2.68 11.33
C ILE A 456 -1.98 1.45 10.53
N ASN A 457 -0.82 1.56 9.88
CA ASN A 457 -0.30 0.45 9.08
C ASN A 457 1.19 0.27 9.26
N THR A 458 1.63 -0.97 9.39
CA THR A 458 3.06 -1.24 9.50
C THR A 458 3.73 -1.27 8.13
N GLY A 459 4.23 -0.13 7.68
CA GLY A 459 4.98 -0.08 6.44
C GLY A 459 6.39 -0.58 6.68
N PHE A 460 6.54 -1.90 6.71
CA PHE A 460 7.72 -2.56 7.25
C PHE A 460 8.96 -2.43 6.37
N LEU A 461 8.78 -2.12 5.08
CA LEU A 461 9.95 -1.95 4.23
C LEU A 461 10.64 -0.62 4.52
N ASP A 462 9.88 0.48 4.46
CA ASP A 462 10.38 1.76 4.90
C ASP A 462 10.91 1.67 6.32
N ARG A 463 10.18 0.94 7.17
CA ARG A 463 10.59 0.85 8.58
C ARG A 463 11.99 0.23 8.72
N THR A 464 12.27 -0.80 7.92
CA THR A 464 13.59 -1.42 7.87
C THR A 464 14.66 -0.45 7.37
N GLY A 465 14.33 0.35 6.35
CA GLY A 465 15.25 1.35 5.86
C GLY A 465 15.64 2.34 6.96
N ASP A 466 14.64 2.87 7.65
CA ASP A 466 14.87 3.79 8.75
C ASP A 466 15.68 3.14 9.87
N GLU A 467 15.43 1.86 10.14
CA GLU A 467 16.14 1.11 11.16
C GLU A 467 17.64 1.09 10.87
N ILE A 468 17.97 0.86 9.60
CA ILE A 468 19.35 0.82 9.15
C ILE A 468 19.98 2.22 9.19
N HIS A 469 19.29 3.22 8.66
CA HIS A 469 19.86 4.54 8.66
C HIS A 469 20.07 5.10 10.07
N THR A 470 19.09 4.90 10.94
CA THR A 470 19.16 5.47 12.29
C THR A 470 20.41 4.95 13.01
N SER A 471 20.70 3.67 12.82
CA SER A 471 21.80 3.06 13.56
C SER A 471 22.99 2.79 12.67
N MET A 472 23.08 3.56 11.59
CA MET A 472 24.13 3.42 10.59
C MET A 472 25.53 3.34 11.21
N GLU A 473 25.77 4.17 12.23
CA GLU A 473 27.10 4.26 12.84
C GLU A 473 27.32 3.23 13.95
N ALA A 474 26.27 2.47 14.29
CA ALA A 474 26.39 1.43 15.34
C ALA A 474 27.24 0.22 14.93
N GLY A 475 27.26 -0.10 13.63
CA GLY A 475 27.98 -1.27 13.17
C GLY A 475 27.31 -1.89 11.96
N PRO A 476 27.87 -2.98 11.42
CA PRO A 476 27.30 -3.66 10.25
C PRO A 476 25.98 -4.33 10.57
N MET A 477 25.01 -4.21 9.66
CA MET A 477 23.67 -4.78 9.86
C MET A 477 23.57 -6.16 9.25
N VAL A 478 22.60 -6.96 9.72
CA VAL A 478 22.33 -8.27 9.14
C VAL A 478 21.85 -8.11 7.70
N ARG A 479 21.93 -9.19 6.93
CA ARG A 479 21.51 -9.19 5.54
C ARG A 479 20.04 -8.81 5.35
N LYS A 480 19.68 -8.37 4.15
CA LYS A 480 18.31 -7.94 3.90
C LYS A 480 17.30 -9.04 4.21
N GLY A 481 17.57 -10.25 3.74
CA GLY A 481 16.66 -11.37 3.97
C GLY A 481 16.50 -11.78 5.43
N THR A 482 17.45 -11.37 6.27
CA THR A 482 17.41 -11.69 7.70
C THR A 482 16.52 -10.70 8.47
N MET A 483 16.36 -9.49 7.94
CA MET A 483 15.64 -8.42 8.63
C MET A 483 14.21 -8.78 9.05
N LYS A 484 13.52 -9.53 8.20
CA LYS A 484 12.12 -9.87 8.42
C LYS A 484 11.87 -10.70 9.68
N SER A 485 12.94 -11.24 10.27
CA SER A 485 12.79 -12.10 11.43
C SER A 485 13.58 -11.61 12.66
N GLN A 486 14.13 -10.40 12.57
CA GLN A 486 14.85 -9.80 13.70
C GLN A 486 13.88 -9.40 14.81
N PRO A 487 14.32 -9.48 16.06
CA PRO A 487 13.50 -9.07 17.21
C PRO A 487 12.81 -7.69 17.03
N TRP A 488 13.54 -6.68 16.56
CA TRP A 488 12.96 -5.34 16.47
C TRP A 488 11.67 -5.31 15.66
N ILE A 489 11.63 -6.04 14.55
CA ILE A 489 10.53 -5.95 13.59
C ILE A 489 9.34 -6.75 14.06
N LEU A 490 9.59 -7.83 14.78
CA LEU A 490 8.50 -8.63 15.32
C LEU A 490 7.86 -7.86 16.45
N ALA A 491 8.68 -7.21 17.28
CA ALA A 491 8.16 -6.39 18.37
C ALA A 491 7.34 -5.26 17.78
N TYR A 492 7.88 -4.68 16.70
CA TYR A 492 7.23 -3.57 16.02
C TYR A 492 5.85 -3.95 15.47
N GLU A 493 5.72 -5.14 14.89
CA GLU A 493 4.42 -5.60 14.38
C GLU A 493 3.37 -5.76 15.49
N ASP A 494 3.76 -6.37 16.62
CA ASP A 494 2.83 -6.58 17.75
C ASP A 494 2.48 -5.28 18.45
N HIS A 495 3.48 -4.44 18.64
CA HIS A 495 3.32 -3.15 19.30
C HIS A 495 2.34 -2.26 18.53
N ASN A 496 2.37 -2.36 17.21
CA ASN A 496 1.43 -1.59 16.39
C ASN A 496 -0.03 -1.99 16.66
N VAL A 497 -0.31 -3.29 16.61
CA VAL A 497 -1.64 -3.82 16.91
C VAL A 497 -2.11 -3.46 18.33
N ASP A 498 -1.23 -3.65 19.31
CA ASP A 498 -1.58 -3.34 20.71
C ASP A 498 -2.03 -1.89 20.85
N ALA A 499 -1.26 -0.97 20.28
CA ALA A 499 -1.51 0.45 20.40
C ALA A 499 -2.85 0.80 19.76
N GLY A 500 -3.11 0.21 18.60
CA GLY A 500 -4.37 0.44 17.91
C GLY A 500 -5.58 -0.01 18.73
N LEU A 501 -5.56 -1.26 19.17
CA LEU A 501 -6.68 -1.82 19.93
C LEU A 501 -6.90 -1.03 21.20
N ALA A 502 -5.80 -0.63 21.86
CA ALA A 502 -5.88 0.12 23.12
C ALA A 502 -6.43 1.54 22.95
N ALA A 503 -6.27 2.09 21.74
CA ALA A 503 -6.89 3.37 21.38
C ALA A 503 -8.32 3.17 20.88
N GLY A 504 -8.80 1.93 20.93
CA GLY A 504 -10.16 1.61 20.55
C GLY A 504 -10.43 1.51 19.05
N PHE A 505 -9.46 1.00 18.29
CA PHE A 505 -9.63 0.93 16.84
C PHE A 505 -10.70 -0.06 16.43
N SER A 506 -10.88 -1.10 17.24
CA SER A 506 -11.85 -2.13 16.91
C SER A 506 -13.26 -1.55 16.77
N GLY A 507 -13.83 -1.66 15.59
CA GLY A 507 -15.14 -1.10 15.32
C GLY A 507 -15.06 0.34 14.84
N ARG A 508 -13.85 0.89 14.78
CA ARG A 508 -13.67 2.31 14.52
C ARG A 508 -12.64 2.65 13.43
N ALA A 509 -11.57 1.88 13.36
CA ALA A 509 -10.48 2.19 12.44
C ALA A 509 -9.73 0.91 12.09
N GLN A 510 -9.02 0.93 10.97
CA GLN A 510 -8.31 -0.26 10.51
C GLN A 510 -6.98 -0.39 11.22
N VAL A 511 -6.63 -1.64 11.53
CA VAL A 511 -5.28 -1.98 11.97
C VAL A 511 -4.68 -2.77 10.83
N GLY A 512 -3.73 -2.15 10.12
CA GLY A 512 -3.27 -2.70 8.86
C GLY A 512 -1.86 -3.25 8.91
N LYS A 513 -1.60 -4.26 8.08
CA LYS A 513 -0.23 -4.76 7.89
C LYS A 513 0.26 -4.72 6.43
N GLY A 514 1.50 -5.18 6.23
CA GLY A 514 2.28 -4.82 5.07
C GLY A 514 2.11 -5.62 3.79
N MET A 515 2.91 -5.26 2.79
CA MET A 515 2.74 -5.74 1.42
C MET A 515 3.42 -7.09 1.18
N TRP A 516 2.72 -7.99 0.49
CA TRP A 516 3.33 -9.18 -0.08
C TRP A 516 3.88 -8.83 -1.46
N THR A 517 5.18 -9.00 -1.66
CA THR A 517 5.83 -8.49 -2.87
C THR A 517 6.05 -9.52 -3.98
N MET A 518 5.94 -10.81 -3.65
CA MET A 518 6.22 -11.87 -4.59
C MET A 518 4.97 -12.25 -5.37
N THR A 519 4.71 -11.50 -6.43
CA THR A 519 3.46 -11.56 -7.18
C THR A 519 3.12 -12.92 -7.79
N GLU A 520 4.14 -13.66 -8.19
CA GLU A 520 3.93 -14.99 -8.78
C GLU A 520 3.85 -16.10 -7.71
N LEU A 521 4.32 -15.82 -6.50
CA LEU A 521 4.38 -16.86 -5.48
C LEU A 521 3.10 -16.90 -4.64
N MET A 522 2.00 -17.19 -5.31
CA MET A 522 0.67 -17.10 -4.69
C MET A 522 0.33 -18.22 -3.71
N ALA A 523 0.83 -19.43 -3.97
CA ALA A 523 0.59 -20.54 -3.05
C ALA A 523 1.23 -20.21 -1.71
N ASP A 524 2.42 -19.62 -1.76
CA ASP A 524 3.11 -19.21 -0.54
C ASP A 524 2.35 -18.10 0.19
N MET A 525 1.78 -17.17 -0.56
CA MET A 525 1.01 -16.10 0.05
C MET A 525 -0.21 -16.65 0.78
N VAL A 526 -0.93 -17.54 0.13
CA VAL A 526 -2.12 -18.13 0.74
C VAL A 526 -1.75 -18.91 2.01
N GLU A 527 -0.60 -19.57 1.97
CA GLU A 527 -0.13 -20.33 3.11
C GLU A 527 0.41 -19.44 4.25
N THR A 528 1.05 -18.33 3.90
CA THR A 528 1.77 -17.59 4.93
C THR A 528 1.17 -16.24 5.36
N LYS A 529 0.51 -15.52 4.44
CA LYS A 529 -0.05 -14.21 4.76
C LYS A 529 -1.24 -14.28 5.72
N ILE A 530 -1.75 -15.49 5.96
CA ILE A 530 -2.80 -15.69 6.94
C ILE A 530 -2.35 -15.26 8.34
N ALA A 531 -1.04 -15.17 8.57
CA ALA A 531 -0.52 -14.76 9.86
C ALA A 531 -0.91 -13.31 10.23
N GLN A 532 -1.20 -12.50 9.22
CA GLN A 532 -1.57 -11.10 9.46
C GLN A 532 -2.96 -10.94 10.12
N PRO A 533 -4.04 -11.47 9.50
CA PRO A 533 -5.32 -11.42 10.24
C PRO A 533 -5.30 -12.21 11.57
N ARG A 534 -4.50 -13.27 11.63
CA ARG A 534 -4.35 -14.03 12.87
C ARG A 534 -3.71 -13.20 13.98
N ALA A 535 -2.97 -12.17 13.58
CA ALA A 535 -2.31 -11.28 14.50
C ALA A 535 -3.19 -10.10 14.89
N GLY A 536 -4.45 -10.12 14.44
CA GLY A 536 -5.39 -9.06 14.75
C GLY A 536 -5.45 -7.89 13.75
N ALA A 537 -4.77 -8.03 12.63
CA ALA A 537 -4.86 -7.05 11.55
C ALA A 537 -6.23 -7.08 10.86
N SER A 538 -6.96 -5.98 10.86
CA SER A 538 -8.23 -5.93 10.13
C SER A 538 -8.02 -5.71 8.64
N THR A 539 -6.78 -5.40 8.26
CA THR A 539 -6.42 -5.30 6.86
C THR A 539 -4.92 -5.51 6.60
N ALA A 540 -4.59 -5.83 5.36
CA ALA A 540 -3.20 -5.94 4.94
C ALA A 540 -3.08 -5.73 3.44
N TRP A 541 -1.90 -5.33 2.99
CA TRP A 541 -1.70 -4.87 1.63
C TRP A 541 -1.40 -5.98 0.62
N VAL A 542 -2.03 -5.88 -0.55
CA VAL A 542 -1.79 -6.81 -1.65
C VAL A 542 -1.45 -5.99 -2.89
N PRO A 543 -0.64 -6.55 -3.81
CA PRO A 543 -0.14 -5.78 -4.95
C PRO A 543 -0.99 -5.86 -6.22
N SER A 544 -1.99 -6.74 -6.23
CA SER A 544 -2.78 -7.01 -7.45
C SER A 544 -4.21 -7.46 -7.13
N PRO A 545 -5.14 -7.31 -8.10
CA PRO A 545 -6.51 -7.77 -7.86
C PRO A 545 -6.54 -9.27 -7.57
N THR A 546 -5.73 -10.03 -8.31
CA THR A 546 -5.62 -11.48 -8.11
C THR A 546 -5.18 -11.78 -6.67
N ALA A 547 -4.20 -11.03 -6.16
CA ALA A 547 -3.74 -11.23 -4.79
C ALA A 547 -4.81 -10.81 -3.77
N ALA A 548 -5.60 -9.80 -4.12
CA ALA A 548 -6.70 -9.41 -3.25
C ALA A 548 -7.73 -10.55 -3.10
N THR A 549 -8.05 -11.21 -4.21
CA THR A 549 -9.02 -12.29 -4.17
C THR A 549 -8.52 -13.45 -3.30
N LEU A 550 -7.25 -13.81 -3.46
CA LEU A 550 -6.69 -14.91 -2.69
C LEU A 550 -6.50 -14.56 -1.19
N HIS A 551 -6.12 -13.33 -0.88
CA HIS A 551 -5.92 -12.90 0.51
C HIS A 551 -7.27 -12.85 1.23
N ALA A 552 -8.33 -12.59 0.45
CA ALA A 552 -9.69 -12.58 0.94
C ALA A 552 -10.04 -13.91 1.62
N LEU A 553 -9.51 -15.02 1.09
CA LEU A 553 -9.71 -16.34 1.71
C LEU A 553 -9.37 -16.33 3.20
N HIS A 554 -8.33 -15.60 3.54
CA HIS A 554 -7.85 -15.53 4.92
C HIS A 554 -8.85 -14.90 5.87
N TYR A 555 -9.65 -13.95 5.39
CA TYR A 555 -10.60 -13.27 6.26
C TYR A 555 -11.81 -14.14 6.53
N HIS A 556 -12.02 -15.13 5.67
CA HIS A 556 -13.08 -16.09 5.86
C HIS A 556 -12.73 -17.13 6.92
N GLN A 557 -11.44 -17.48 7.01
CA GLN A 557 -10.97 -18.50 7.95
C GLN A 557 -10.68 -17.93 9.33
N VAL A 558 -10.32 -16.65 9.35
CA VAL A 558 -9.95 -15.97 10.58
C VAL A 558 -11.00 -14.91 10.92
N ASP A 559 -11.60 -15.05 12.09
CA ASP A 559 -12.55 -14.08 12.60
C ASP A 559 -11.76 -12.96 13.25
N VAL A 560 -11.32 -12.01 12.43
CA VAL A 560 -10.53 -10.88 12.88
C VAL A 560 -11.16 -10.17 14.08
N ALA A 561 -12.46 -9.91 14.03
CA ALA A 561 -13.16 -9.26 15.15
C ALA A 561 -12.92 -9.99 16.46
N ALA A 562 -13.13 -11.31 16.43
CA ALA A 562 -12.95 -12.12 17.63
C ALA A 562 -11.49 -12.07 18.08
N VAL A 563 -10.56 -12.15 17.14
CA VAL A 563 -9.14 -12.16 17.48
C VAL A 563 -8.75 -10.86 18.19
N GLN A 564 -9.26 -9.75 17.68
CA GLN A 564 -8.95 -8.44 18.27
C GLN A 564 -9.51 -8.30 19.68
N GLN A 565 -10.67 -8.92 19.93
CA GLN A 565 -11.28 -8.91 21.26
C GLN A 565 -10.40 -9.64 22.26
N GLY A 566 -9.78 -10.72 21.82
CA GLY A 566 -8.91 -11.52 22.65
C GLY A 566 -7.59 -10.84 22.94
N LEU A 567 -7.18 -9.93 22.06
CA LEU A 567 -5.89 -9.25 22.20
C LEU A 567 -5.95 -8.00 23.08
N ALA A 568 -7.17 -7.52 23.32
CA ALA A 568 -7.43 -6.34 24.15
C ALA A 568 -6.70 -6.36 25.49
N GLY A 569 -6.08 -5.23 25.83
CA GLY A 569 -5.44 -5.10 27.12
C GLY A 569 -4.01 -5.63 27.19
N LYS A 570 -3.66 -6.52 26.27
CA LYS A 570 -2.33 -7.13 26.30
C LYS A 570 -1.23 -6.18 25.84
N ARG A 571 -0.07 -6.31 26.47
CA ARG A 571 1.10 -5.56 26.09
C ARG A 571 2.18 -6.59 25.77
N ARG A 572 2.48 -6.76 24.48
CA ARG A 572 3.29 -7.89 24.04
C ARG A 572 4.65 -7.50 23.51
N ALA A 573 4.98 -6.21 23.57
CA ALA A 573 6.29 -5.75 23.16
C ALA A 573 6.79 -4.71 24.12
N THR A 574 8.05 -4.84 24.54
CA THR A 574 8.63 -3.84 25.41
C THR A 574 9.38 -2.81 24.57
N ILE A 575 9.68 -1.69 25.19
CA ILE A 575 10.47 -0.68 24.52
C ILE A 575 11.89 -1.23 24.21
N GLU A 576 12.43 -2.07 25.11
CA GLU A 576 13.76 -2.66 24.88
C GLU A 576 13.78 -3.54 23.64
N GLN A 577 12.69 -4.28 23.42
CA GLN A 577 12.60 -5.14 22.23
C GLN A 577 12.53 -4.28 20.99
N LEU A 578 11.74 -3.22 21.06
CA LEU A 578 11.61 -2.29 19.94
C LEU A 578 12.98 -1.70 19.58
N LEU A 579 13.80 -1.44 20.59
CA LEU A 579 15.06 -0.74 20.42
C LEU A 579 16.25 -1.66 20.15
N THR A 580 15.98 -2.92 19.85
CA THR A 580 17.05 -3.88 19.62
C THR A 580 17.56 -3.79 18.18
N ILE A 581 18.68 -3.08 18.01
CA ILE A 581 19.27 -2.78 16.71
C ILE A 581 19.77 -4.08 16.05
N PRO A 582 19.43 -4.29 14.75
CA PRO A 582 19.78 -5.52 14.02
C PRO A 582 21.25 -5.62 13.61
N LEU A 583 22.15 -5.54 14.59
CA LEU A 583 23.58 -5.62 14.30
C LEU A 583 24.02 -7.05 14.00
N ALA A 584 24.80 -7.23 12.95
CA ALA A 584 25.40 -8.51 12.65
C ALA A 584 26.39 -8.86 13.74
N LYS A 585 26.50 -10.15 14.05
CA LYS A 585 27.40 -10.60 15.10
C LYS A 585 28.77 -10.99 14.54
N GLU A 586 29.61 -11.50 15.43
CA GLU A 586 31.00 -11.86 15.11
C GLU A 586 31.11 -12.82 13.92
N LEU A 587 31.80 -12.37 12.87
CA LEU A 587 32.13 -13.21 11.71
C LEU A 587 30.94 -13.97 11.14
N ALA A 588 29.81 -13.27 10.99
CA ALA A 588 28.57 -13.93 10.61
C ALA A 588 28.57 -14.52 9.20
N TRP A 589 29.51 -14.09 8.36
CA TRP A 589 29.46 -14.47 6.95
C TRP A 589 30.77 -14.91 6.34
N ALA A 590 30.66 -15.83 5.38
CA ALA A 590 31.77 -16.28 4.58
C ALA A 590 31.89 -15.34 3.39
N PRO A 591 33.03 -15.38 2.71
CA PRO A 591 33.22 -14.57 1.50
C PRO A 591 32.08 -14.71 0.48
N ASP A 592 31.72 -15.93 0.11
CA ASP A 592 30.69 -16.12 -0.89
C ASP A 592 29.30 -15.61 -0.45
N GLU A 593 29.02 -15.67 0.84
CA GLU A 593 27.76 -15.14 1.37
C GLU A 593 27.70 -13.61 1.21
N ILE A 594 28.80 -12.94 1.54
CA ILE A 594 28.89 -11.50 1.42
C ILE A 594 28.70 -11.12 -0.04
N ARG A 595 29.32 -11.89 -0.93
CA ARG A 595 29.26 -11.61 -2.36
C ARG A 595 27.85 -11.75 -2.95
N GLU A 596 27.10 -12.76 -2.54
CA GLU A 596 25.77 -12.89 -3.13
C GLU A 596 24.79 -11.84 -2.59
N GLU A 597 24.95 -11.48 -1.31
CA GLU A 597 24.20 -10.40 -0.71
C GLU A 597 24.47 -9.08 -1.44
N VAL A 598 25.72 -8.85 -1.81
CA VAL A 598 26.07 -7.66 -2.57
C VAL A 598 25.43 -7.66 -3.97
N ASP A 599 25.61 -8.77 -4.68
CA ASP A 599 25.02 -8.93 -5.99
C ASP A 599 23.50 -8.83 -5.91
N ASN A 600 22.91 -9.44 -4.90
CA ASN A 600 21.46 -9.39 -4.76
C ASN A 600 20.98 -7.94 -4.68
N ASN A 601 21.63 -7.17 -3.82
CA ASN A 601 21.26 -5.78 -3.62
C ASN A 601 21.56 -4.90 -4.83
N CYS A 602 22.71 -5.10 -5.46
CA CYS A 602 23.05 -4.31 -6.65
C CYS A 602 22.08 -4.57 -7.79
N GLN A 603 21.68 -5.83 -7.96
CA GLN A 603 20.65 -6.21 -8.95
C GLN A 603 19.28 -5.55 -8.66
N SER A 604 18.90 -5.52 -7.38
CA SER A 604 17.64 -4.95 -6.96
C SER A 604 17.65 -3.45 -7.24
N ILE A 605 18.73 -2.79 -6.86
CA ILE A 605 18.89 -1.36 -7.13
C ILE A 605 18.87 -1.04 -8.61
N LEU A 606 19.66 -1.76 -9.41
CA LEU A 606 19.74 -1.48 -10.84
C LEU A 606 18.42 -1.72 -11.58
N GLY A 607 17.76 -2.84 -11.31
CA GLY A 607 16.53 -3.16 -11.99
C GLY A 607 15.42 -2.18 -11.67
N TYR A 608 15.43 -1.65 -10.45
CA TYR A 608 14.38 -0.71 -10.08
C TYR A 608 14.73 0.70 -10.59
N VAL A 609 15.97 1.12 -10.38
CA VAL A 609 16.40 2.46 -10.77
C VAL A 609 16.36 2.68 -12.29
N VAL A 610 16.72 1.67 -13.07
CA VAL A 610 16.78 1.86 -14.52
C VAL A 610 15.39 2.16 -15.12
N ARG A 611 14.36 1.56 -14.56
CA ARG A 611 13.01 1.84 -15.02
C ARG A 611 12.49 3.17 -14.48
N TRP A 612 12.97 3.54 -13.30
CA TRP A 612 12.58 4.79 -12.66
C TRP A 612 13.10 6.00 -13.44
N VAL A 613 14.41 6.00 -13.69
CA VAL A 613 15.09 7.17 -14.22
C VAL A 613 14.91 7.30 -15.73
N ASP A 614 14.88 6.17 -16.42
CA ASP A 614 14.78 6.19 -17.89
C ASP A 614 13.33 6.27 -18.38
N GLN A 615 12.42 5.56 -17.72
CA GLN A 615 11.03 5.50 -18.20
C GLN A 615 10.01 6.07 -17.24
N GLY A 616 10.45 6.45 -16.05
CA GLY A 616 9.58 7.11 -15.09
C GLY A 616 8.51 6.19 -14.52
N VAL A 617 8.87 4.92 -14.34
CA VAL A 617 8.03 3.88 -13.77
C VAL A 617 8.44 3.67 -12.32
N GLY A 618 7.51 3.86 -11.39
CA GLY A 618 7.83 3.79 -9.98
C GLY A 618 7.60 2.45 -9.34
N ALA A 619 7.01 1.52 -10.08
CA ALA A 619 6.75 0.16 -9.60
C ALA A 619 6.27 -0.73 -10.75
N SER A 620 6.73 -1.98 -10.75
CA SER A 620 6.34 -2.96 -11.74
C SER A 620 6.90 -4.32 -11.30
N LYS A 621 6.53 -5.39 -11.98
CA LYS A 621 7.15 -6.67 -11.72
C LYS A 621 8.60 -6.65 -12.20
N VAL A 622 9.53 -6.74 -11.24
CA VAL A 622 10.95 -6.76 -11.57
C VAL A 622 11.55 -8.09 -11.11
N PRO A 623 12.06 -8.90 -12.05
CA PRO A 623 12.71 -10.16 -11.67
C PRO A 623 13.95 -9.91 -10.83
N ASP A 624 14.14 -10.69 -9.78
CA ASP A 624 15.32 -10.51 -8.94
C ASP A 624 16.47 -11.35 -9.48
N ILE A 625 17.40 -11.69 -8.58
CA ILE A 625 18.64 -12.38 -8.96
C ILE A 625 18.40 -13.85 -9.29
N HIS A 626 17.43 -14.46 -8.61
CA HIS A 626 17.05 -15.85 -8.87
C HIS A 626 15.78 -15.88 -9.71
N ASP A 627 15.47 -14.73 -10.32
CA ASP A 627 14.33 -14.54 -11.22
C ASP A 627 12.93 -14.60 -10.59
N VAL A 628 12.86 -14.59 -9.26
CA VAL A 628 11.58 -14.43 -8.57
C VAL A 628 11.03 -13.04 -8.90
N ALA A 629 9.81 -12.99 -9.43
CA ALA A 629 9.22 -11.70 -9.76
C ALA A 629 8.85 -10.96 -8.48
N LEU A 630 9.28 -9.70 -8.40
CA LEU A 630 9.00 -8.88 -7.23
C LEU A 630 8.30 -7.58 -7.61
N MET A 631 7.15 -7.32 -6.98
CA MET A 631 6.46 -6.04 -7.10
C MET A 631 6.86 -5.13 -5.94
N GLU A 632 8.03 -4.53 -6.08
CA GLU A 632 8.59 -3.69 -5.02
C GLU A 632 8.61 -2.24 -5.48
N ASP A 633 8.83 -1.34 -4.52
CA ASP A 633 8.87 0.06 -4.87
C ASP A 633 10.02 0.77 -4.16
N ARG A 634 9.94 2.09 -4.11
CA ARG A 634 10.99 2.93 -3.56
C ARG A 634 11.50 2.49 -2.18
N ALA A 635 10.62 1.96 -1.34
CA ALA A 635 11.02 1.48 -0.01
C ALA A 635 12.06 0.35 -0.05
N THR A 636 11.93 -0.55 -1.02
CA THR A 636 12.91 -1.64 -1.18
C THR A 636 14.26 -1.06 -1.58
N LEU A 637 14.21 -0.02 -2.40
CA LEU A 637 15.40 0.71 -2.80
C LEU A 637 16.07 1.36 -1.58
N ARG A 638 15.25 1.92 -0.70
CA ARG A 638 15.77 2.51 0.53
C ARG A 638 16.53 1.49 1.35
N ILE A 639 15.95 0.30 1.50
CA ILE A 639 16.63 -0.77 2.25
C ILE A 639 17.94 -1.18 1.56
N SER A 640 17.88 -1.40 0.25
CA SER A 640 19.03 -1.97 -0.46
C SER A 640 20.22 -1.04 -0.49
N SER A 641 19.97 0.22 -0.79
CA SER A 641 21.02 1.23 -0.80
C SER A 641 21.56 1.48 0.61
N GLN A 642 20.69 1.50 1.61
CA GLN A 642 21.14 1.74 2.99
C GLN A 642 22.01 0.59 3.54
N LEU A 643 21.65 -0.64 3.18
CA LEU A 643 22.39 -1.82 3.60
C LEU A 643 23.79 -1.83 3.00
N LEU A 644 23.88 -1.63 1.68
CA LEU A 644 25.17 -1.54 1.03
C LEU A 644 26.00 -0.37 1.59
N ALA A 645 25.37 0.79 1.79
CA ALA A 645 26.08 1.93 2.38
C ALA A 645 26.61 1.57 3.77
N ASN A 646 25.83 0.79 4.50
CA ASN A 646 26.23 0.36 5.84
C ASN A 646 27.38 -0.65 5.82
N TRP A 647 27.31 -1.61 4.92
CA TRP A 647 28.42 -2.54 4.76
C TRP A 647 29.72 -1.87 4.29
N LEU A 648 29.59 -0.88 3.40
CA LEU A 648 30.77 -0.16 2.94
C LEU A 648 31.35 0.71 4.06
N ARG A 649 30.46 1.27 4.87
CA ARG A 649 30.85 2.17 5.95
C ARG A 649 31.64 1.43 7.03
N HIS A 650 31.34 0.16 7.23
CA HIS A 650 31.97 -0.58 8.30
C HIS A 650 33.00 -1.60 7.86
N GLY A 651 33.31 -1.60 6.57
CA GLY A 651 34.43 -2.39 6.07
C GLY A 651 34.08 -3.81 5.70
N VAL A 652 32.79 -4.13 5.63
CA VAL A 652 32.39 -5.47 5.23
C VAL A 652 32.78 -5.70 3.79
N ILE A 653 32.63 -4.66 2.97
CA ILE A 653 32.92 -4.74 1.55
C ILE A 653 33.74 -3.51 1.19
N THR A 654 34.42 -3.56 0.06
CA THR A 654 35.25 -2.45 -0.39
C THR A 654 34.55 -1.74 -1.53
N SER A 655 35.09 -0.59 -1.93
CA SER A 655 34.46 0.18 -2.99
C SER A 655 34.62 -0.53 -4.34
N ALA A 656 35.67 -1.33 -4.49
CA ALA A 656 35.80 -2.11 -5.72
C ALA A 656 34.78 -3.24 -5.75
N ASP A 657 34.53 -3.87 -4.59
CA ASP A 657 33.45 -4.86 -4.47
C ASP A 657 32.13 -4.30 -5.04
N VAL A 658 31.77 -3.11 -4.57
CA VAL A 658 30.57 -2.44 -5.03
C VAL A 658 30.59 -2.17 -6.54
N ARG A 659 31.71 -1.67 -7.03
CA ARG A 659 31.85 -1.37 -8.45
C ARG A 659 31.66 -2.62 -9.30
N ALA A 660 32.37 -3.69 -8.93
CA ALA A 660 32.37 -4.93 -9.69
C ALA A 660 30.95 -5.49 -9.77
N SER A 661 30.23 -5.42 -8.65
CA SER A 661 28.90 -5.95 -8.59
C SER A 661 27.96 -5.15 -9.47
N LEU A 662 28.00 -3.82 -9.37
CA LEU A 662 27.18 -2.98 -10.24
C LEU A 662 27.46 -3.31 -11.68
N GLU A 663 28.75 -3.36 -12.03
CA GLU A 663 29.16 -3.61 -13.41
C GLU A 663 28.83 -5.02 -13.89
N ARG A 664 28.87 -5.98 -12.96
CA ARG A 664 28.45 -7.35 -13.24
C ARG A 664 26.95 -7.45 -13.44
N MET A 665 26.19 -6.86 -12.52
CA MET A 665 24.75 -7.01 -12.52
C MET A 665 24.06 -6.19 -13.61
N ALA A 666 24.73 -5.17 -14.11
CA ALA A 666 24.12 -4.26 -15.10
C ALA A 666 23.71 -4.89 -16.45
N PRO A 667 24.60 -5.69 -17.09
CA PRO A 667 24.19 -6.35 -18.34
C PRO A 667 23.07 -7.35 -18.07
N LEU A 668 23.07 -7.92 -16.87
CA LEU A 668 22.03 -8.85 -16.44
C LEU A 668 20.68 -8.17 -16.55
N VAL A 669 20.63 -6.93 -16.08
CA VAL A 669 19.41 -6.14 -16.12
C VAL A 669 19.05 -5.69 -17.54
N ASP A 670 20.06 -5.31 -18.32
CA ASP A 670 19.85 -4.94 -19.72
C ASP A 670 19.16 -6.10 -20.45
N ARG A 671 19.58 -7.31 -20.09
CA ARG A 671 19.05 -8.52 -20.72
C ARG A 671 17.60 -8.75 -20.31
N GLN A 672 17.33 -8.64 -19.02
CA GLN A 672 15.98 -8.82 -18.49
C GLN A 672 14.99 -7.82 -19.10
N ASN A 673 15.50 -6.67 -19.51
CA ASN A 673 14.67 -5.65 -20.14
C ASN A 673 14.86 -5.49 -21.65
N ALA A 674 15.53 -6.47 -22.28
CA ALA A 674 15.80 -6.42 -23.72
C ALA A 674 14.48 -6.37 -24.51
N GLY A 675 13.42 -6.86 -23.89
CA GLY A 675 12.09 -6.83 -24.46
C GLY A 675 11.53 -5.46 -24.78
N ASP A 676 11.74 -4.50 -23.88
CA ASP A 676 11.19 -3.15 -24.04
C ASP A 676 11.76 -2.42 -25.23
N VAL A 677 11.22 -1.23 -25.46
CA VAL A 677 11.49 -0.47 -26.68
C VAL A 677 11.99 0.93 -26.32
N ALA A 678 11.57 1.42 -25.17
CA ALA A 678 12.07 2.68 -24.63
C ALA A 678 13.33 2.41 -23.82
N TYR A 679 13.80 1.18 -23.84
CA TYR A 679 14.92 0.77 -23.00
C TYR A 679 16.27 1.10 -23.61
N ARG A 680 17.07 1.89 -22.91
CA ARG A 680 18.46 2.11 -23.26
C ARG A 680 19.41 1.38 -22.30
N PRO A 681 20.21 0.43 -22.84
CA PRO A 681 21.09 -0.43 -22.04
C PRO A 681 22.15 0.34 -21.27
N MET A 682 22.44 -0.07 -20.04
CA MET A 682 23.45 0.59 -19.22
C MET A 682 24.89 0.19 -19.62
N ALA A 683 25.08 -1.10 -19.86
CA ALA A 683 26.36 -1.59 -20.36
C ALA A 683 26.51 -1.30 -21.87
N PRO A 684 27.75 -1.11 -22.35
CA PRO A 684 29.01 -1.15 -21.58
C PRO A 684 29.47 0.24 -21.11
N ASN A 685 28.88 1.29 -21.67
CA ASN A 685 29.28 2.64 -21.33
C ASN A 685 28.57 3.14 -20.07
N PHE A 686 28.91 2.52 -18.93
CA PHE A 686 28.27 2.80 -17.65
C PHE A 686 28.18 4.28 -17.30
N ASP A 687 29.28 5.00 -17.45
CA ASP A 687 29.29 6.42 -17.08
C ASP A 687 28.52 7.32 -18.04
N ASP A 688 27.95 6.75 -19.10
CA ASP A 688 27.09 7.52 -20.01
C ASP A 688 25.64 7.24 -19.69
N SER A 689 25.42 6.35 -18.73
CA SER A 689 24.08 5.97 -18.31
C SER A 689 23.67 6.75 -17.06
N ILE A 690 22.72 7.66 -17.23
CA ILE A 690 22.22 8.45 -16.11
C ILE A 690 21.63 7.54 -15.04
N ALA A 691 20.95 6.47 -15.47
CA ALA A 691 20.41 5.49 -14.52
C ALA A 691 21.52 4.74 -13.77
N PHE A 692 22.55 4.30 -14.47
CA PHE A 692 23.66 3.61 -13.80
C PHE A 692 24.30 4.53 -12.79
N LEU A 693 24.50 5.79 -13.16
CA LEU A 693 25.07 6.76 -12.24
C LEU A 693 24.18 7.00 -11.01
N ALA A 694 22.87 7.07 -11.22
CA ALA A 694 21.93 7.23 -10.11
C ALA A 694 22.07 6.09 -9.11
N ALA A 695 22.16 4.88 -9.66
CA ALA A 695 22.29 3.67 -8.86
C ALA A 695 23.56 3.71 -8.00
N GLN A 696 24.68 4.03 -8.64
CA GLN A 696 25.96 4.22 -7.96
C GLN A 696 25.89 5.31 -6.89
N GLU A 697 25.20 6.40 -7.20
CA GLU A 697 25.10 7.51 -6.25
C GLU A 697 24.29 7.14 -5.00
N LEU A 698 23.26 6.32 -5.17
CA LEU A 698 22.39 5.96 -4.05
C LEU A 698 23.15 5.11 -3.01
N ILE A 699 24.11 4.33 -3.45
CA ILE A 699 24.97 3.57 -2.55
C ILE A 699 26.08 4.44 -1.95
N LEU A 700 26.89 5.04 -2.79
CA LEU A 700 28.08 5.74 -2.36
C LEU A 700 27.78 7.02 -1.58
N SER A 701 26.64 7.65 -1.88
CA SER A 701 26.19 8.83 -1.13
C SER A 701 25.10 8.49 -0.14
N GLY A 702 24.80 7.21 -0.01
CA GLY A 702 23.64 6.77 0.75
C GLY A 702 23.63 7.22 2.19
N ALA A 703 24.79 7.10 2.85
CA ALA A 703 24.90 7.48 4.25
C ALA A 703 24.55 8.95 4.48
N GLN A 704 24.71 9.77 3.45
CA GLN A 704 24.53 11.23 3.57
C GLN A 704 23.14 11.72 3.20
N GLN A 705 22.25 10.82 2.81
CA GLN A 705 20.88 11.21 2.49
C GLN A 705 20.06 11.33 3.77
N PRO A 706 19.20 12.36 3.86
CA PRO A 706 18.41 12.57 5.08
C PRO A 706 17.53 11.36 5.39
N ASN A 707 17.79 10.73 6.52
CA ASN A 707 17.11 9.50 6.94
C ASN A 707 17.14 8.41 5.90
N GLY A 708 18.19 8.41 5.07
CA GLY A 708 18.38 7.38 4.08
C GLY A 708 17.42 7.44 2.90
N TYR A 709 16.65 8.53 2.78
CA TYR A 709 15.65 8.68 1.71
C TYR A 709 16.25 8.71 0.30
N THR A 710 15.55 8.07 -0.64
CA THR A 710 16.05 7.98 -2.01
C THR A 710 15.55 9.06 -2.95
N GLU A 711 14.46 9.73 -2.58
CA GLU A 711 13.83 10.70 -3.48
C GLU A 711 14.76 11.83 -3.96
N PRO A 712 15.61 12.40 -3.08
CA PRO A 712 16.45 13.48 -3.60
C PRO A 712 17.36 13.07 -4.74
N ILE A 713 18.01 11.90 -4.67
CA ILE A 713 18.86 11.46 -5.75
C ILE A 713 18.02 11.06 -6.96
N LEU A 714 16.93 10.33 -6.72
CA LEU A 714 16.07 9.87 -7.80
C LEU A 714 15.41 11.02 -8.56
N HIS A 715 14.88 11.99 -7.83
CA HIS A 715 14.22 13.11 -8.49
C HIS A 715 15.20 13.89 -9.35
N ARG A 716 16.40 14.07 -8.84
CA ARG A 716 17.43 14.86 -9.49
C ARG A 716 17.85 14.18 -10.80
N ARG A 717 18.03 12.86 -10.76
CA ARG A 717 18.50 12.11 -11.92
C ARG A 717 17.41 11.92 -12.97
N ARG A 718 16.16 11.80 -12.53
CA ARG A 718 15.06 11.67 -13.45
C ARG A 718 14.91 12.98 -14.21
N ARG A 719 14.99 14.09 -13.47
CA ARG A 719 14.91 15.41 -14.07
C ARG A 719 16.05 15.63 -15.07
N GLU A 720 17.22 15.11 -14.73
CA GLU A 720 18.39 15.19 -15.59
C GLU A 720 18.16 14.42 -16.88
N PHE A 721 17.69 13.17 -16.76
CA PHE A 721 17.37 12.34 -17.91
C PHE A 721 16.37 13.03 -18.83
N LYS A 722 15.30 13.55 -18.24
CA LYS A 722 14.26 14.24 -19.03
C LYS A 722 14.84 15.39 -19.83
N ALA A 723 15.69 16.17 -19.18
CA ALA A 723 16.33 17.32 -19.79
C ALA A 723 17.24 16.89 -20.95
N ARG A 724 18.05 15.87 -20.71
CA ARG A 724 18.95 15.32 -21.72
C ARG A 724 18.20 14.85 -22.97
N ALA A 725 17.06 14.20 -22.77
CA ALA A 725 16.24 13.75 -23.88
C ALA A 725 15.36 14.88 -24.41
N ALA A 726 16.00 16.00 -24.77
CA ALA A 726 15.28 17.17 -25.26
C ALA A 726 16.22 18.23 -25.84
N GLU A 727 17.36 17.79 -26.38
CA GLU A 727 18.37 18.70 -26.91
C GLU A 727 18.94 18.20 -28.23
#